data_3V1T
#
_entry.id   3V1T
#
_cell.length_a   57.388
_cell.length_b   57.594
_cell.length_c   71.488
_cell.angle_alpha   99.240
_cell.angle_beta   102.980
_cell.angle_gamma   117.040
#
_symmetry.space_group_name_H-M   'P 1'
#
loop_
_entity.id
_entity.type
_entity.pdbx_description
1 polymer '3-oxoacyl-(Acyl-carrier-protein) reductase'
2 water water
#
_entity_poly.entity_id   1
_entity_poly.type   'polypeptide(L)'
_entity_poly.pdbx_seq_one_letter_code
;HHHHHHGSMAPKRSSDLFSQVVNSGPGSFLARQLGVPQPETLRRYRAGEPPLTGSLLIGGAGRVVEPLRAALEKDYDLVG
NNLGGRWADSFGGLVFDATGITEPAGLKGLHEFFTPVLRNLGRCGRVVVVGGTPEAAASTNERIAQRALEGFTRSLGKEL
RRGATTALVYLSPDAKPAATGLESTMRFLLSAKSAYVDGQVFSVGADDSTPPADWEKPLDGKVAIVTGAARGIGATIAEV
FARDGAHVVAIDVESAAENLAETASKVGGTALWLDVTADDAVDKISEHLRDHHGGKADILVNNAGITRDKLLANMDDARW
DAVLAVNLLAPLRLTEGLVGNGSIGEGGRVIGLSSIAGIAGNRGQTNYATTKAGMIGITQALAPGLAAKGITINAVAPGF
IETQMTAAIPLATREVGRRLNSLLQGGQPVDVAEAIAYFASPASNAVTGNVIRVCGQAMIGA
;
_entity_poly.pdbx_strand_id   C,D
#
# COMPACT_ATOMS: atom_id res chain seq x y z
N PRO A 37 13.82 -14.57 21.43
CA PRO A 37 14.46 -14.13 20.17
C PRO A 37 15.39 -12.91 20.32
N GLN A 38 16.69 -13.08 20.07
CA GLN A 38 17.65 -11.94 20.04
C GLN A 38 17.86 -11.29 18.62
N PRO A 39 18.17 -9.97 18.54
CA PRO A 39 18.62 -9.45 17.25
C PRO A 39 19.97 -10.02 16.84
N GLU A 40 20.07 -10.29 15.54
CA GLU A 40 21.26 -10.82 14.92
C GLU A 40 22.22 -9.70 14.54
N THR A 41 23.53 -9.92 14.67
CA THR A 41 24.48 -9.03 14.02
C THR A 41 24.38 -9.23 12.49
N LEU A 42 23.90 -8.20 11.82
CA LEU A 42 23.57 -8.35 10.40
C LEU A 42 24.86 -8.36 9.61
N ARG A 43 24.91 -9.25 8.65
CA ARG A 43 26.04 -9.34 7.75
C ARG A 43 25.87 -8.23 6.73
N ARG A 44 26.94 -7.47 6.50
CA ARG A 44 26.82 -6.37 5.50
C ARG A 44 27.92 -6.60 4.49
N TYR A 45 27.91 -5.85 3.40
CA TYR A 45 28.81 -6.13 2.32
C TYR A 45 30.23 -5.80 2.73
N ARG A 46 31.13 -6.73 2.42
CA ARG A 46 32.57 -6.49 2.43
C ARG A 46 33.21 -7.20 1.23
N ALA A 47 34.12 -6.52 0.52
CA ALA A 47 34.69 -7.04 -0.74
C ALA A 47 35.43 -8.38 -0.60
N GLY A 48 35.35 -9.22 -1.63
CA GLY A 48 36.14 -10.48 -1.66
C GLY A 48 35.41 -11.61 -0.98
N GLU A 49 34.43 -11.26 -0.15
CA GLU A 49 33.54 -12.17 0.53
C GLU A 49 32.53 -12.81 -0.46
N PRO A 50 32.04 -14.02 -0.16
CA PRO A 50 30.97 -14.56 -1.02
C PRO A 50 29.63 -13.81 -0.82
N PRO A 51 28.86 -13.59 -1.91
CA PRO A 51 27.57 -12.90 -1.68
C PRO A 51 26.66 -13.55 -0.63
N LEU A 52 26.51 -14.88 -0.68
CA LEU A 52 25.77 -15.63 0.33
C LEU A 52 26.71 -16.45 1.19
N THR A 53 26.18 -16.84 2.33
CA THR A 53 26.92 -17.52 3.37
C THR A 53 26.71 -19.05 3.25
N GLY A 54 25.71 -19.48 2.48
CA GLY A 54 25.54 -20.89 2.13
C GLY A 54 25.14 -21.04 0.66
N SER A 55 24.60 -22.19 0.30
CA SER A 55 24.34 -22.56 -1.07
C SER A 55 23.05 -21.88 -1.50
N LEU A 56 22.77 -21.88 -2.80
CA LEU A 56 21.60 -21.20 -3.32
C LEU A 56 20.68 -22.25 -3.93
N LEU A 57 19.54 -22.50 -3.28
CA LEU A 57 18.54 -23.40 -3.85
C LEU A 57 17.55 -22.62 -4.65
N ILE A 58 17.44 -22.89 -5.95
CA ILE A 58 16.37 -22.22 -6.76
C ILE A 58 15.33 -23.26 -7.18
N GLY A 59 14.06 -23.07 -6.78
CA GLY A 59 13.03 -24.06 -7.01
C GLY A 59 11.79 -23.46 -7.61
N GLY A 60 10.71 -24.23 -7.66
CA GLY A 60 9.47 -23.68 -8.25
C GLY A 60 9.35 -24.03 -9.72
N ALA A 61 8.42 -23.39 -10.40
CA ALA A 61 8.08 -23.77 -11.74
C ALA A 61 7.58 -22.55 -12.51
N GLY A 62 8.10 -22.38 -13.72
CA GLY A 62 7.72 -21.23 -14.52
C GLY A 62 8.88 -20.83 -15.43
N ARG A 63 8.81 -19.59 -15.92
CA ARG A 63 9.75 -19.09 -16.91
C ARG A 63 11.08 -18.56 -16.33
N VAL A 64 11.24 -18.58 -15.01
CA VAL A 64 12.38 -17.97 -14.39
C VAL A 64 13.44 -18.91 -13.76
N VAL A 65 13.03 -20.06 -13.19
CA VAL A 65 14.01 -20.92 -12.50
C VAL A 65 15.24 -21.32 -13.35
N GLU A 66 14.99 -21.69 -14.61
CA GLU A 66 16.09 -22.16 -15.45
C GLU A 66 17.11 -21.06 -15.82
N PRO A 67 16.65 -19.96 -16.47
CA PRO A 67 17.53 -18.85 -16.83
C PRO A 67 18.18 -18.19 -15.61
N LEU A 68 17.50 -18.22 -14.46
CA LEU A 68 18.07 -17.62 -13.27
C LEU A 68 19.21 -18.49 -12.76
N ARG A 69 18.98 -19.79 -12.80
CA ARG A 69 20.03 -20.80 -12.53
C ARG A 69 21.26 -20.59 -13.39
N ALA A 70 21.06 -20.52 -14.69
CA ALA A 70 22.12 -20.22 -15.63
C ALA A 70 22.91 -18.92 -15.33
N ALA A 71 22.23 -17.80 -15.03
CA ALA A 71 22.87 -16.53 -14.63
C ALA A 71 23.68 -16.53 -13.30
N LEU A 72 23.21 -17.22 -12.27
CA LEU A 72 23.82 -17.13 -10.96
C LEU A 72 24.85 -18.27 -10.72
N GLU A 73 24.88 -19.25 -11.64
CA GLU A 73 25.75 -20.45 -11.58
C GLU A 73 27.22 -20.18 -11.25
N LYS A 74 27.88 -19.25 -11.94
CA LYS A 74 29.30 -19.04 -11.66
C LYS A 74 29.59 -18.21 -10.42
N ASP A 75 28.67 -17.31 -10.02
CA ASP A 75 28.90 -16.40 -8.87
C ASP A 75 28.33 -16.91 -7.56
N TYR A 76 27.37 -17.84 -7.64
CA TYR A 76 26.75 -18.45 -6.45
C TYR A 76 27.00 -19.97 -6.35
N ASP A 77 26.75 -20.54 -5.19
CA ASP A 77 26.94 -21.94 -4.98
C ASP A 77 25.57 -22.63 -5.16
N LEU A 78 25.21 -22.99 -6.39
CA LEU A 78 23.88 -23.61 -6.64
C LEU A 78 23.67 -25.06 -6.17
N VAL A 79 22.47 -25.36 -5.69
CA VAL A 79 22.02 -26.68 -5.30
C VAL A 79 20.55 -26.86 -5.68
N ASP A 89 27.21 -27.06 5.73
CA ASP A 89 26.72 -26.21 4.64
C ASP A 89 25.22 -25.97 4.73
N SER A 90 24.81 -24.70 4.88
CA SER A 90 23.42 -24.23 4.95
C SER A 90 22.88 -23.67 3.60
N PHE A 91 21.60 -23.32 3.54
CA PHE A 91 21.09 -22.54 2.43
C PHE A 91 21.27 -21.04 2.73
N GLY A 92 21.98 -20.33 1.86
CA GLY A 92 22.21 -18.92 2.04
C GLY A 92 21.03 -18.25 1.33
N GLY A 93 20.42 -18.95 0.39
CA GLY A 93 19.25 -18.38 -0.29
C GLY A 93 18.27 -19.41 -0.76
N LEU A 94 16.98 -19.02 -0.81
CA LEU A 94 15.91 -19.92 -1.22
C LEU A 94 15.10 -19.09 -2.15
N VAL A 95 15.09 -19.44 -3.44
CA VAL A 95 14.32 -18.65 -4.42
C VAL A 95 13.27 -19.57 -5.02
N PHE A 96 12.03 -19.09 -5.07
CA PHE A 96 10.94 -19.89 -5.57
C PHE A 96 10.32 -19.19 -6.74
N ASP A 97 10.29 -19.84 -7.90
CA ASP A 97 9.65 -19.28 -9.06
C ASP A 97 8.16 -19.55 -8.96
N ALA A 98 7.36 -18.49 -8.80
CA ALA A 98 5.88 -18.60 -8.68
C ALA A 98 5.21 -18.29 -9.97
N THR A 99 6.00 -17.95 -10.99
CA THR A 99 5.37 -17.41 -12.22
C THR A 99 4.49 -18.49 -12.86
N GLY A 100 4.81 -19.75 -12.65
CA GLY A 100 3.98 -20.87 -13.18
C GLY A 100 2.56 -20.94 -12.59
N ILE A 101 2.31 -20.25 -11.47
CA ILE A 101 1.06 -20.40 -10.76
C ILE A 101 -0.02 -19.55 -11.35
N THR A 102 -1.00 -20.15 -12.03
CA THR A 102 -1.99 -19.35 -12.72
C THR A 102 -3.39 -19.44 -12.08
N GLU A 103 -3.48 -20.17 -10.99
CA GLU A 103 -4.77 -20.35 -10.33
C GLU A 103 -4.53 -20.33 -8.83
N PRO A 104 -5.55 -19.89 -8.04
CA PRO A 104 -5.43 -20.00 -6.56
C PRO A 104 -5.14 -21.40 -6.06
N ALA A 105 -5.71 -22.46 -6.70
CA ALA A 105 -5.41 -23.85 -6.32
C ALA A 105 -3.90 -24.18 -6.37
N GLY A 106 -3.14 -23.39 -7.13
CA GLY A 106 -1.73 -23.68 -7.29
C GLY A 106 -0.83 -23.08 -6.24
N LEU A 107 -1.37 -22.25 -5.33
CA LEU A 107 -0.55 -21.57 -4.33
C LEU A 107 0.10 -22.49 -3.33
N LYS A 108 -0.45 -23.72 -3.20
CA LYS A 108 0.16 -24.78 -2.40
C LYS A 108 1.63 -25.12 -2.72
N GLY A 109 2.01 -24.85 -3.94
CA GLY A 109 3.41 -24.98 -4.33
C GLY A 109 4.35 -24.21 -3.45
N LEU A 110 3.92 -23.04 -2.93
CA LEU A 110 4.74 -22.27 -1.96
C LEU A 110 5.18 -23.10 -0.75
N HIS A 111 4.18 -23.69 -0.15
CA HIS A 111 4.36 -24.54 0.99
C HIS A 111 5.16 -25.83 0.66
N GLU A 112 4.81 -26.49 -0.42
CA GLU A 112 5.52 -27.67 -0.86
C GLU A 112 6.99 -27.39 -1.12
N PHE A 113 7.33 -26.17 -1.58
CA PHE A 113 8.73 -25.83 -1.73
C PHE A 113 9.41 -25.49 -0.39
N PHE A 114 8.86 -24.49 0.33
CA PHE A 114 9.50 -23.86 1.49
C PHE A 114 9.51 -24.69 2.78
N THR A 115 8.38 -25.34 3.05
CA THR A 115 8.21 -26.01 4.33
C THR A 115 9.36 -27.01 4.66
N PRO A 116 9.74 -27.94 3.73
CA PRO A 116 10.84 -28.90 4.00
C PRO A 116 12.22 -28.28 4.12
N VAL A 117 12.43 -27.10 3.53
CA VAL A 117 13.82 -26.59 3.50
C VAL A 117 14.13 -25.47 4.50
N LEU A 118 13.11 -24.92 5.14
CA LEU A 118 13.33 -23.78 6.04
C LEU A 118 14.26 -24.12 7.20
N ARG A 119 14.28 -25.41 7.61
CA ARG A 119 15.09 -25.93 8.70
C ARG A 119 16.55 -25.61 8.46
N ASN A 120 16.91 -25.43 7.21
CA ASN A 120 18.30 -25.28 6.85
C ASN A 120 18.71 -23.93 6.29
N LEU A 121 17.77 -22.98 6.35
CA LEU A 121 18.05 -21.61 5.97
C LEU A 121 19.08 -21.00 6.90
N GLY A 122 20.06 -20.35 6.32
CA GLY A 122 21.24 -19.98 7.10
C GLY A 122 21.01 -18.68 7.84
N ARG A 123 21.96 -18.24 8.67
CA ARG A 123 21.80 -16.98 9.35
C ARG A 123 21.92 -15.86 8.34
N CYS A 124 21.12 -14.80 8.49
CA CYS A 124 21.03 -13.73 7.43
C CYS A 124 20.70 -14.26 6.01
N GLY A 125 19.94 -15.36 5.96
CA GLY A 125 19.58 -16.03 4.68
C GLY A 125 18.59 -15.17 3.94
N ARG A 126 18.33 -15.51 2.68
CA ARG A 126 17.45 -14.73 1.79
C ARG A 126 16.43 -15.64 1.17
N VAL A 127 15.16 -15.29 1.34
CA VAL A 127 14.02 -15.91 0.68
C VAL A 127 13.45 -14.91 -0.32
N VAL A 128 13.33 -15.33 -1.58
CA VAL A 128 12.73 -14.47 -2.62
C VAL A 128 11.73 -15.31 -3.36
N VAL A 129 10.55 -14.75 -3.57
CA VAL A 129 9.56 -15.41 -4.43
C VAL A 129 9.48 -14.54 -5.70
N VAL A 130 9.55 -15.14 -6.86
CA VAL A 130 9.50 -14.36 -8.09
C VAL A 130 8.19 -14.70 -8.75
N GLY A 131 7.36 -13.69 -8.90
CA GLY A 131 6.05 -13.85 -9.57
C GLY A 131 5.94 -13.01 -10.85
N GLY A 132 4.75 -13.04 -11.49
CA GLY A 132 4.56 -12.30 -12.70
C GLY A 132 3.64 -11.13 -12.31
N THR A 133 3.94 -9.94 -12.85
CA THR A 133 3.24 -8.68 -12.53
C THR A 133 1.77 -8.95 -12.54
N PRO A 134 1.05 -8.67 -11.42
CA PRO A 134 -0.34 -9.18 -11.51
C PRO A 134 -1.21 -8.47 -12.48
N GLU A 135 -0.98 -7.17 -12.69
CA GLU A 135 -1.80 -6.34 -13.62
C GLU A 135 -1.66 -6.88 -15.05
N ALA A 136 -0.53 -7.51 -15.32
CA ALA A 136 -0.24 -7.99 -16.69
C ALA A 136 -0.57 -9.49 -16.94
N ALA A 137 -1.26 -10.13 -15.96
CA ALA A 137 -1.59 -11.55 -15.99
C ALA A 137 -2.44 -11.88 -17.19
N ALA A 138 -2.34 -13.12 -17.63
CA ALA A 138 -3.09 -13.50 -18.84
C ALA A 138 -4.54 -13.92 -18.58
N SER A 139 -4.91 -14.03 -17.29
CA SER A 139 -6.27 -14.37 -16.85
C SER A 139 -6.52 -13.68 -15.49
N THR A 140 -7.80 -13.47 -15.15
CA THR A 140 -8.13 -13.02 -13.78
C THR A 140 -7.72 -14.01 -12.71
N ASN A 141 -7.74 -15.32 -12.98
CA ASN A 141 -7.21 -16.31 -12.00
C ASN A 141 -5.75 -16.08 -11.70
N GLU A 142 -4.98 -15.81 -12.75
CA GLU A 142 -3.55 -15.66 -12.51
C GLU A 142 -3.22 -14.35 -11.72
N ARG A 143 -3.91 -13.26 -12.07
CA ARG A 143 -3.79 -11.99 -11.36
C ARG A 143 -4.07 -12.18 -9.86
N ILE A 144 -5.16 -12.88 -9.56
CA ILE A 144 -5.55 -13.16 -8.19
C ILE A 144 -4.45 -13.94 -7.51
N ALA A 145 -3.93 -14.97 -8.15
CA ALA A 145 -2.92 -15.85 -7.49
C ALA A 145 -1.59 -15.10 -7.29
N GLN A 146 -1.16 -14.37 -8.32
CA GLN A 146 0.07 -13.57 -8.23
C GLN A 146 -0.07 -12.41 -7.20
N ARG A 147 -1.22 -11.71 -7.18
CA ARG A 147 -1.54 -10.69 -6.16
C ARG A 147 -1.40 -11.31 -4.76
N ALA A 148 -1.99 -12.50 -4.54
CA ALA A 148 -1.95 -13.24 -3.21
C ALA A 148 -0.52 -13.50 -2.67
N LEU A 149 0.47 -13.51 -3.56
CA LEU A 149 1.87 -13.85 -3.12
C LEU A 149 2.42 -12.91 -2.05
N GLU A 150 1.94 -11.70 -2.06
CA GLU A 150 2.38 -10.66 -1.15
C GLU A 150 1.90 -10.92 0.30
N GLY A 151 0.69 -11.46 0.48
CA GLY A 151 0.35 -11.91 1.88
C GLY A 151 1.34 -12.97 2.38
N PHE A 152 1.76 -13.83 1.46
CA PHE A 152 2.70 -14.92 1.76
C PHE A 152 4.07 -14.37 2.12
N THR A 153 4.67 -13.48 1.32
CA THR A 153 6.07 -13.11 1.63
C THR A 153 6.24 -12.21 2.90
N ARG A 154 5.22 -11.40 3.17
CA ARG A 154 5.21 -10.52 4.33
C ARG A 154 4.90 -11.31 5.55
N SER A 155 3.98 -12.25 5.49
CA SER A 155 3.81 -13.14 6.69
C SER A 155 5.10 -13.94 6.91
N LEU A 156 5.72 -14.42 5.84
CA LEU A 156 6.91 -15.28 6.15
C LEU A 156 8.05 -14.40 6.67
N GLY A 157 8.16 -13.15 6.22
CA GLY A 157 9.15 -12.23 6.83
C GLY A 157 9.11 -12.18 8.36
N LYS A 158 7.91 -12.36 8.90
CA LYS A 158 7.65 -12.30 10.34
C LYS A 158 7.88 -13.60 11.10
N GLU A 159 8.27 -14.64 10.38
CA GLU A 159 8.57 -15.93 10.98
C GLU A 159 10.06 -16.26 10.97
N LEU A 160 10.79 -15.66 10.03
CA LEU A 160 12.15 -16.13 9.70
C LEU A 160 13.00 -15.69 10.84
N ARG A 161 13.99 -16.52 11.19
CA ARG A 161 14.89 -16.27 12.30
C ARG A 161 16.30 -15.90 11.83
N ARG A 162 17.09 -15.44 12.78
CA ARG A 162 18.53 -15.23 12.64
C ARG A 162 19.00 -14.27 11.59
N GLY A 163 18.15 -13.27 11.24
CA GLY A 163 18.60 -12.21 10.35
C GLY A 163 18.05 -12.33 8.93
N ALA A 164 17.32 -13.44 8.66
CA ALA A 164 17.03 -13.89 7.30
C ALA A 164 15.81 -13.05 6.94
N THR A 165 15.61 -12.75 5.64
CA THR A 165 14.62 -11.73 5.20
C THR A 165 13.85 -12.35 4.05
N THR A 166 12.71 -11.79 3.71
CA THR A 166 11.99 -12.18 2.51
C THR A 166 11.80 -11.02 1.51
N ALA A 167 11.58 -11.36 0.26
CA ALA A 167 11.28 -10.34 -0.76
C ALA A 167 10.37 -10.95 -1.77
N LEU A 168 9.50 -10.15 -2.36
CA LEU A 168 8.73 -10.58 -3.51
C LEU A 168 9.27 -9.83 -4.67
N VAL A 169 9.53 -10.51 -5.76
CA VAL A 169 9.88 -9.81 -7.02
C VAL A 169 8.85 -10.15 -8.13
N TYR A 170 8.22 -9.15 -8.72
CA TYR A 170 7.38 -9.37 -9.89
C TYR A 170 8.21 -9.08 -11.18
N LEU A 171 8.07 -9.94 -12.20
CA LEU A 171 8.73 -9.74 -13.49
C LEU A 171 7.65 -9.62 -14.58
N SER A 172 7.77 -8.60 -15.41
CA SER A 172 6.80 -8.43 -16.52
C SER A 172 6.73 -9.74 -17.33
N PRO A 173 5.51 -10.16 -17.76
CA PRO A 173 5.43 -11.34 -18.67
C PRO A 173 5.98 -11.07 -20.08
N ASP A 174 6.30 -9.82 -20.40
CA ASP A 174 7.04 -9.46 -21.64
C ASP A 174 8.56 -9.48 -21.59
N ALA A 175 9.13 -9.75 -20.41
CA ALA A 175 10.56 -10.01 -20.38
C ALA A 175 10.93 -11.25 -21.24
N LYS A 176 12.11 -11.17 -21.85
CA LYS A 176 12.61 -12.28 -22.63
C LYS A 176 12.91 -13.44 -21.68
N PRO A 177 12.84 -14.69 -22.21
CA PRO A 177 13.18 -15.88 -21.41
C PRO A 177 14.52 -15.80 -20.69
N ALA A 178 15.58 -15.20 -21.26
CA ALA A 178 16.84 -15.06 -20.50
C ALA A 178 16.69 -14.24 -19.18
N ALA A 179 15.71 -13.33 -19.15
CA ALA A 179 15.39 -12.50 -17.97
C ALA A 179 16.55 -11.65 -17.49
N THR A 180 17.24 -11.02 -18.46
CA THR A 180 18.50 -10.36 -18.09
C THR A 180 18.17 -9.10 -17.28
N GLY A 181 16.96 -8.57 -17.44
CA GLY A 181 16.59 -7.37 -16.69
C GLY A 181 16.38 -7.64 -15.17
N LEU A 182 16.32 -8.93 -14.82
CA LEU A 182 15.95 -9.40 -13.47
C LEU A 182 17.24 -9.58 -12.62
N GLU A 183 18.35 -9.61 -13.33
CA GLU A 183 19.60 -9.98 -12.69
C GLU A 183 20.13 -8.97 -11.60
N SER A 184 20.07 -7.64 -11.87
CA SER A 184 20.48 -6.63 -10.84
C SER A 184 19.68 -6.75 -9.51
N THR A 185 18.39 -7.10 -9.62
CA THR A 185 17.52 -7.14 -8.45
C THR A 185 17.80 -8.37 -7.66
N MET A 186 17.95 -9.50 -8.39
CA MET A 186 18.27 -10.79 -7.70
C MET A 186 19.65 -10.76 -7.03
N ARG A 187 20.57 -10.08 -7.67
CA ARG A 187 21.90 -9.96 -7.08
C ARG A 187 21.96 -9.03 -5.87
N PHE A 188 21.23 -7.93 -5.89
CA PHE A 188 21.09 -7.11 -4.69
C PHE A 188 20.46 -7.93 -3.54
N LEU A 189 19.31 -8.56 -3.83
CA LEU A 189 18.62 -9.32 -2.79
C LEU A 189 19.45 -10.47 -2.24
N LEU A 190 20.06 -11.28 -3.13
CA LEU A 190 20.94 -12.41 -2.74
C LEU A 190 22.35 -11.90 -2.41
N SER A 191 22.47 -10.96 -1.49
CA SER A 191 23.80 -10.60 -0.96
C SER A 191 23.61 -9.91 0.36
N ALA A 192 24.72 -9.52 0.97
CA ALA A 192 24.69 -8.84 2.27
C ALA A 192 24.22 -7.37 2.13
N LYS A 193 24.32 -6.80 0.94
CA LYS A 193 23.95 -5.41 0.72
C LYS A 193 22.50 -5.16 1.13
N SER A 194 21.64 -6.16 0.96
CA SER A 194 20.21 -5.98 1.19
C SER A 194 19.83 -6.26 2.65
N ALA A 195 20.82 -6.19 3.56
CA ALA A 195 20.67 -6.52 5.00
C ALA A 195 19.45 -5.99 5.77
N TYR A 196 19.01 -4.76 5.45
CA TYR A 196 17.88 -4.19 6.14
C TYR A 196 16.63 -4.04 5.32
N VAL A 197 16.54 -4.69 4.14
CA VAL A 197 15.33 -4.64 3.27
C VAL A 197 14.64 -5.94 3.55
N ASP A 198 13.35 -5.88 3.80
CA ASP A 198 12.64 -7.06 4.34
C ASP A 198 11.19 -6.91 4.13
N GLY A 199 10.61 -7.97 3.60
CA GLY A 199 9.13 -8.01 3.38
C GLY A 199 8.70 -7.13 2.25
N GLN A 200 9.63 -6.67 1.45
CA GLN A 200 9.26 -5.69 0.42
C GLN A 200 8.88 -6.26 -0.99
N VAL A 201 8.50 -5.42 -1.95
CA VAL A 201 7.95 -5.90 -3.23
C VAL A 201 8.65 -5.06 -4.30
N PHE A 202 9.31 -5.76 -5.22
CA PHE A 202 10.11 -5.15 -6.28
C PHE A 202 9.47 -5.47 -7.61
N SER A 203 9.47 -4.48 -8.51
CA SER A 203 8.78 -4.59 -9.78
C SER A 203 9.73 -4.39 -10.98
N VAL A 204 9.96 -5.49 -11.72
CA VAL A 204 10.91 -5.51 -12.84
C VAL A 204 10.08 -5.54 -14.09
N GLY A 205 10.40 -4.60 -14.95
CA GLY A 205 9.78 -4.61 -16.28
C GLY A 205 10.28 -5.63 -17.30
N ALA A 206 10.02 -5.32 -18.57
CA ALA A 206 10.24 -6.23 -19.71
C ALA A 206 11.60 -6.03 -20.42
N ASP A 207 12.29 -4.89 -20.20
CA ASP A 207 13.51 -4.60 -21.00
C ASP A 207 14.68 -5.52 -20.69
N ASP A 208 15.52 -5.79 -21.70
CA ASP A 208 16.80 -6.53 -21.44
C ASP A 208 17.81 -5.66 -20.67
N SER A 209 18.82 -6.26 -20.04
CA SER A 209 19.89 -5.51 -19.38
C SER A 209 21.28 -6.04 -19.79
N THR A 210 22.30 -5.20 -19.62
CA THR A 210 23.69 -5.58 -19.80
C THR A 210 24.34 -5.57 -18.42
N PRO A 211 25.06 -6.65 -18.05
CA PRO A 211 25.75 -6.60 -16.76
C PRO A 211 26.84 -5.51 -16.76
N PRO A 212 27.18 -4.98 -15.57
CA PRO A 212 28.32 -4.09 -15.60
C PRO A 212 29.58 -4.94 -15.89
N ALA A 213 30.74 -4.30 -16.16
CA ALA A 213 31.96 -5.08 -16.43
C ALA A 213 32.38 -5.88 -15.21
N ASP A 214 32.03 -5.38 -14.03
CA ASP A 214 32.39 -5.94 -12.74
C ASP A 214 31.24 -5.71 -11.76
N TRP A 215 30.58 -6.78 -11.37
CA TRP A 215 29.44 -6.61 -10.48
C TRP A 215 29.83 -6.00 -9.14
N GLU A 216 31.11 -6.15 -8.75
CA GLU A 216 31.64 -5.58 -7.52
C GLU A 216 31.99 -4.11 -7.61
N LYS A 217 32.12 -3.60 -8.83
CA LYS A 217 32.28 -2.15 -9.11
C LYS A 217 31.25 -1.64 -10.16
N PRO A 218 29.95 -1.73 -9.83
CA PRO A 218 28.84 -1.60 -10.76
C PRO A 218 28.71 -0.18 -11.28
N LEU A 219 29.22 0.82 -10.54
CA LEU A 219 29.05 2.23 -10.93
C LEU A 219 30.40 2.82 -11.52
N ASP A 220 31.37 1.94 -11.74
CA ASP A 220 32.65 2.33 -12.41
C ASP A 220 32.38 3.23 -13.61
N GLY A 221 33.05 4.37 -13.65
CA GLY A 221 32.86 5.36 -14.73
C GLY A 221 31.57 6.15 -14.75
N LYS A 222 30.62 5.90 -13.83
CA LYS A 222 29.39 6.71 -13.68
C LYS A 222 29.60 7.99 -12.89
N VAL A 223 28.84 9.04 -13.19
CA VAL A 223 28.92 10.27 -12.43
C VAL A 223 27.64 10.47 -11.64
N ALA A 224 27.77 10.65 -10.31
CA ALA A 224 26.55 10.83 -9.47
C ALA A 224 26.50 12.13 -8.67
N ILE A 225 25.34 12.77 -8.71
CA ILE A 225 25.03 13.94 -7.92
C ILE A 225 24.34 13.43 -6.63
N VAL A 226 24.88 13.76 -5.45
CA VAL A 226 24.21 13.38 -4.16
C VAL A 226 23.92 14.65 -3.33
N THR A 227 22.63 15.02 -3.13
CA THR A 227 22.32 16.22 -2.35
C THR A 227 22.28 15.84 -0.87
N GLY A 228 22.38 16.84 0.02
CA GLY A 228 22.49 16.59 1.46
C GLY A 228 23.68 15.69 1.79
N ALA A 229 24.81 15.86 1.11
CA ALA A 229 25.91 14.87 1.23
C ALA A 229 27.00 15.23 2.23
N ALA A 230 26.88 16.37 2.91
CA ALA A 230 27.95 16.78 3.86
C ALA A 230 28.09 15.78 5.03
N ARG A 231 26.97 15.29 5.54
CA ARG A 231 26.96 14.35 6.66
C ARG A 231 25.85 13.34 6.49
N GLY A 232 25.82 12.38 7.42
CA GLY A 232 24.67 11.49 7.64
C GLY A 232 24.42 10.52 6.50
N ILE A 233 23.14 10.24 6.24
CA ILE A 233 22.84 9.28 5.20
C ILE A 233 23.46 9.71 3.86
N GLY A 234 23.46 11.03 3.57
CA GLY A 234 23.98 11.53 2.29
C GLY A 234 25.47 11.32 2.11
N ALA A 235 26.22 11.49 3.19
CA ALA A 235 27.64 11.30 3.15
C ALA A 235 27.91 9.83 2.93
N THR A 236 27.06 8.96 3.51
CA THR A 236 27.28 7.49 3.38
C THR A 236 26.91 7.00 1.96
N ILE A 237 25.88 7.60 1.37
CA ILE A 237 25.56 7.34 -0.04
C ILE A 237 26.79 7.72 -0.98
N ALA A 238 27.39 8.84 -0.64
CA ALA A 238 28.56 9.31 -1.38
C ALA A 238 29.66 8.25 -1.27
N GLU A 239 29.83 7.70 -0.07
CA GLU A 239 30.88 6.70 0.16
C GLU A 239 30.62 5.41 -0.57
N VAL A 240 29.47 4.80 -0.33
CA VAL A 240 29.08 3.62 -1.07
C VAL A 240 29.15 3.78 -2.61
N PHE A 241 28.66 4.91 -3.12
CA PHE A 241 28.84 5.23 -4.55
C PHE A 241 30.29 5.16 -5.03
N ALA A 242 31.18 5.71 -4.21
CA ALA A 242 32.59 5.81 -4.57
C ALA A 242 33.22 4.41 -4.47
N ARG A 243 32.86 3.69 -3.40
CA ARG A 243 33.17 2.26 -3.32
C ARG A 243 32.82 1.47 -4.58
N ASP A 244 31.68 1.82 -5.17
CA ASP A 244 31.20 1.12 -6.35
C ASP A 244 31.79 1.68 -7.66
N GLY A 245 32.76 2.59 -7.54
CA GLY A 245 33.45 3.14 -8.72
C GLY A 245 32.94 4.46 -9.29
N ALA A 246 31.93 5.06 -8.66
CA ALA A 246 31.43 6.32 -9.19
C ALA A 246 32.19 7.59 -8.77
N HIS A 247 32.07 8.64 -9.60
CA HIS A 247 32.57 9.99 -9.29
C HIS A 247 31.40 10.80 -8.72
N VAL A 248 31.58 11.29 -7.50
CA VAL A 248 30.47 11.86 -6.77
C VAL A 248 30.61 13.35 -6.79
N VAL A 249 29.48 13.97 -7.11
CA VAL A 249 29.33 15.43 -6.97
C VAL A 249 28.48 15.66 -5.71
N ALA A 250 29.18 15.96 -4.62
CA ALA A 250 28.54 16.05 -3.30
C ALA A 250 27.97 17.47 -3.11
N ILE A 251 26.63 17.61 -2.99
CA ILE A 251 25.98 18.90 -2.79
C ILE A 251 25.44 19.04 -1.35
N ASP A 252 25.64 20.22 -0.80
CA ASP A 252 25.01 20.58 0.45
C ASP A 252 24.97 22.13 0.52
N VAL A 253 24.51 22.66 1.64
CA VAL A 253 24.33 24.06 1.85
C VAL A 253 25.63 24.80 2.24
N GLU A 254 25.61 26.11 2.06
CA GLU A 254 26.75 26.96 2.31
C GLU A 254 27.32 26.74 3.69
N SER A 255 26.48 26.62 4.70
CA SER A 255 26.89 26.50 6.13
C SER A 255 27.55 25.15 6.39
N ALA A 256 27.35 24.22 5.46
CA ALA A 256 27.97 22.92 5.52
C ALA A 256 29.26 22.85 4.64
N ALA A 257 29.69 23.98 4.10
CA ALA A 257 30.83 24.03 3.12
C ALA A 257 32.02 23.23 3.57
N GLU A 258 32.41 23.45 4.83
CA GLU A 258 33.57 22.79 5.45
C GLU A 258 33.40 21.26 5.45
N ASN A 259 32.25 20.80 5.95
CA ASN A 259 31.94 19.36 6.05
C ASN A 259 31.81 18.69 4.68
N LEU A 260 31.32 19.48 3.72
CA LEU A 260 31.09 19.02 2.36
C LEU A 260 32.43 18.80 1.63
N ALA A 261 33.37 19.73 1.82
CA ALA A 261 34.71 19.59 1.27
C ALA A 261 35.36 18.28 1.75
N GLU A 262 35.26 17.99 3.06
CA GLU A 262 35.86 16.77 3.65
C GLU A 262 35.35 15.49 3.01
N THR A 263 34.02 15.42 2.92
CA THR A 263 33.35 14.29 2.36
C THR A 263 33.77 14.11 0.92
N ALA A 264 33.73 15.18 0.11
CA ALA A 264 34.17 15.10 -1.28
C ALA A 264 35.60 14.57 -1.35
N SER A 265 36.50 15.08 -0.53
CA SER A 265 37.89 14.57 -0.58
C SER A 265 37.96 13.09 -0.11
N LYS A 266 37.13 12.72 0.85
CA LYS A 266 37.22 11.36 1.37
C LYS A 266 36.72 10.33 0.33
N VAL A 267 35.87 10.76 -0.61
CA VAL A 267 35.28 9.82 -1.58
C VAL A 267 35.88 9.98 -3.00
N GLY A 268 36.84 10.89 -3.09
CA GLY A 268 37.48 11.20 -4.37
C GLY A 268 36.57 11.95 -5.33
N GLY A 269 35.63 12.71 -4.79
CA GLY A 269 34.68 13.45 -5.65
C GLY A 269 34.94 14.94 -5.55
N THR A 270 33.91 15.71 -5.87
CA THR A 270 33.96 17.16 -5.85
C THR A 270 32.81 17.66 -4.95
N ALA A 271 33.08 18.72 -4.18
CA ALA A 271 32.06 19.47 -3.42
C ALA A 271 31.41 20.61 -4.22
N LEU A 272 30.12 20.80 -4.05
CA LEU A 272 29.49 21.99 -4.58
C LEU A 272 28.38 22.39 -3.61
N TRP A 273 28.65 23.48 -2.87
CA TRP A 273 27.66 23.97 -1.97
C TRP A 273 26.74 24.95 -2.70
N LEU A 274 25.50 24.92 -2.28
CA LEU A 274 24.45 25.69 -2.90
C LEU A 274 23.16 25.34 -2.17
N ASP A 275 22.17 26.20 -2.38
CA ASP A 275 20.87 26.06 -1.76
C ASP A 275 20.00 25.44 -2.85
N VAL A 276 19.68 24.16 -2.69
CA VAL A 276 18.83 23.43 -3.67
C VAL A 276 17.45 24.07 -3.99
N THR A 277 16.97 24.98 -3.11
CA THR A 277 15.69 25.67 -3.30
C THR A 277 15.81 26.87 -4.22
N ALA A 278 17.03 27.36 -4.40
CA ALA A 278 17.28 28.60 -5.15
C ALA A 278 17.00 28.48 -6.65
N ASP A 279 16.52 29.58 -7.22
CA ASP A 279 16.25 29.81 -8.64
C ASP A 279 17.42 29.39 -9.55
N ASP A 280 18.62 29.50 -9.03
CA ASP A 280 19.82 29.22 -9.81
C ASP A 280 20.40 27.82 -9.60
N ALA A 281 19.74 26.95 -8.83
CA ALA A 281 20.37 25.66 -8.45
C ALA A 281 20.71 24.81 -9.70
N VAL A 282 19.72 24.67 -10.59
CA VAL A 282 19.91 23.80 -11.78
C VAL A 282 21.11 24.34 -12.64
N ASP A 283 21.17 25.65 -12.82
CA ASP A 283 22.29 26.31 -13.50
C ASP A 283 23.61 26.00 -12.84
N LYS A 284 23.69 26.06 -11.51
CA LYS A 284 25.00 25.92 -10.87
C LYS A 284 25.45 24.50 -11.07
N ILE A 285 24.55 23.55 -10.84
CA ILE A 285 24.89 22.11 -11.01
C ILE A 285 25.28 21.79 -12.47
N SER A 286 24.54 22.36 -13.45
CA SER A 286 24.84 22.09 -14.87
C SER A 286 26.21 22.64 -15.21
N GLU A 287 26.48 23.83 -14.69
CA GLU A 287 27.75 24.50 -14.89
C GLU A 287 28.89 23.61 -14.33
N HIS A 288 28.68 23.05 -13.14
CA HIS A 288 29.68 22.19 -12.46
C HIS A 288 29.94 20.89 -13.24
N LEU A 289 28.87 20.36 -13.85
CA LEU A 289 28.96 19.14 -14.66
C LEU A 289 29.70 19.41 -15.94
N ARG A 290 29.41 20.57 -16.52
CA ARG A 290 30.07 21.05 -17.74
C ARG A 290 31.59 21.08 -17.53
N ASP A 291 31.98 21.56 -16.35
CA ASP A 291 33.40 21.73 -16.01
C ASP A 291 34.13 20.42 -15.83
N HIS A 292 33.52 19.48 -15.12
CA HIS A 292 34.19 18.26 -14.64
C HIS A 292 33.90 16.96 -15.36
N HIS A 293 32.69 16.86 -15.92
CA HIS A 293 32.12 15.58 -16.34
C HIS A 293 31.45 15.69 -17.69
N GLY A 294 32.01 16.51 -18.57
CA GLY A 294 31.43 16.71 -19.89
C GLY A 294 29.96 17.11 -19.93
N GLY A 295 29.49 17.88 -18.96
CA GLY A 295 28.05 18.28 -18.94
C GLY A 295 27.06 17.16 -18.61
N LYS A 296 27.54 15.99 -18.23
CA LYS A 296 26.59 14.89 -18.04
C LYS A 296 26.62 14.22 -16.67
N ALA A 297 25.48 13.97 -16.05
CA ALA A 297 25.57 13.08 -14.86
C ALA A 297 24.76 11.82 -15.16
N ASP A 298 25.20 10.68 -14.67
CA ASP A 298 24.43 9.45 -14.84
C ASP A 298 23.35 9.27 -13.78
N ILE A 299 23.62 9.76 -12.58
CA ILE A 299 22.76 9.44 -11.43
C ILE A 299 22.48 10.75 -10.66
N LEU A 300 21.20 10.96 -10.26
CA LEU A 300 20.86 12.01 -9.28
C LEU A 300 20.14 11.35 -8.08
N VAL A 301 20.68 11.60 -6.89
CA VAL A 301 20.09 11.19 -5.60
C VAL A 301 19.55 12.45 -4.87
N ASN A 302 18.22 12.53 -4.79
CA ASN A 302 17.50 13.54 -4.04
C ASN A 302 17.38 13.08 -2.58
N ASN A 303 18.46 13.33 -1.84
CA ASN A 303 18.60 12.96 -0.46
C ASN A 303 18.36 14.09 0.57
N ALA A 304 18.63 15.34 0.19
CA ALA A 304 18.44 16.51 1.10
C ALA A 304 16.98 16.54 1.58
N GLY A 305 16.81 16.78 2.86
CA GLY A 305 15.45 16.87 3.39
C GLY A 305 15.59 17.40 4.80
N ILE A 306 14.52 18.00 5.29
CA ILE A 306 14.51 18.65 6.63
C ILE A 306 13.22 18.29 7.31
N THR A 307 13.16 18.38 8.65
CA THR A 307 11.89 18.23 9.38
C THR A 307 11.66 19.54 10.12
N ARG A 308 10.42 19.98 10.15
CA ARG A 308 10.01 21.07 11.04
C ARG A 308 8.72 20.57 11.73
N ASP A 309 8.89 19.67 12.70
CA ASP A 309 7.71 18.97 13.23
C ASP A 309 6.78 19.93 13.97
N LYS A 310 5.48 19.86 13.67
CA LYS A 310 4.50 20.62 14.45
C LYS A 310 3.14 20.00 14.19
N LEU A 311 2.32 19.83 15.23
CA LEU A 311 0.94 19.38 14.96
C LEU A 311 0.30 20.41 14.06
N LEU A 312 -0.59 19.97 13.15
CA LEU A 312 -1.24 20.88 12.19
C LEU A 312 -2.07 22.00 12.83
N ALA A 313 -2.78 21.68 13.92
CA ALA A 313 -3.47 22.68 14.70
C ALA A 313 -2.57 23.87 15.09
N ASN A 314 -1.26 23.67 15.18
CA ASN A 314 -0.31 24.73 15.54
C ASN A 314 0.67 25.16 14.43
N MET A 315 0.39 24.76 13.18
CA MET A 315 1.31 24.91 12.04
C MET A 315 1.41 26.32 11.58
N ASP A 316 2.65 26.80 11.47
CA ASP A 316 2.86 28.15 10.99
C ASP A 316 3.30 28.07 9.51
N ASP A 317 3.15 29.17 8.75
CA ASP A 317 3.57 29.22 7.33
C ASP A 317 5.01 28.79 7.11
N ALA A 318 5.99 29.29 7.87
CA ALA A 318 7.43 28.99 7.61
C ALA A 318 7.76 27.52 7.76
N ARG A 319 7.14 26.86 8.70
CA ARG A 319 7.43 25.47 8.96
C ARG A 319 6.82 24.58 7.88
N TRP A 320 5.63 24.95 7.39
CA TRP A 320 5.07 24.23 6.26
C TRP A 320 5.93 24.50 5.02
N ASP A 321 6.21 25.78 4.75
CA ASP A 321 6.80 26.19 3.47
C ASP A 321 8.21 25.69 3.36
N ALA A 322 9.00 25.84 4.41
CA ALA A 322 10.39 25.39 4.31
C ALA A 322 10.47 23.85 4.00
N VAL A 323 9.68 23.06 4.71
CA VAL A 323 9.71 21.63 4.56
C VAL A 323 9.23 21.27 3.13
N LEU A 324 8.15 21.87 2.65
CA LEU A 324 7.72 21.67 1.25
C LEU A 324 8.78 22.04 0.20
N ALA A 325 9.42 23.20 0.38
CA ALA A 325 10.47 23.68 -0.53
C ALA A 325 11.68 22.74 -0.59
N VAL A 326 12.26 22.41 0.55
CA VAL A 326 13.43 21.54 0.55
C VAL A 326 13.13 20.12 0.08
N ASN A 327 12.04 19.56 0.57
CA ASN A 327 11.86 18.14 0.50
C ASN A 327 11.10 17.72 -0.77
N LEU A 328 10.32 18.62 -1.33
CA LEU A 328 9.43 18.28 -2.46
C LEU A 328 9.62 19.14 -3.70
N LEU A 329 9.39 20.44 -3.57
CA LEU A 329 9.64 21.39 -4.66
C LEU A 329 11.03 21.31 -5.28
N ALA A 330 12.05 21.34 -4.42
CA ALA A 330 13.41 21.36 -4.94
C ALA A 330 13.74 20.08 -5.74
N PRO A 331 13.58 18.88 -5.15
CA PRO A 331 13.88 17.63 -5.90
C PRO A 331 13.18 17.55 -7.23
N LEU A 332 11.91 17.92 -7.24
CA LEU A 332 11.21 18.01 -8.50
C LEU A 332 11.88 18.98 -9.50
N ARG A 333 12.17 20.19 -9.07
CA ARG A 333 12.68 21.19 -9.98
C ARG A 333 14.04 20.79 -10.49
N LEU A 334 14.87 20.17 -9.62
CA LEU A 334 16.19 19.65 -10.03
C LEU A 334 16.10 18.49 -11.04
N THR A 335 15.15 17.56 -10.79
CA THR A 335 14.93 16.44 -11.73
C THR A 335 14.50 17.01 -13.07
N GLU A 336 13.40 17.78 -13.09
CA GLU A 336 12.95 18.29 -14.35
C GLU A 336 14.01 19.17 -15.09
N GLY A 337 14.82 19.90 -14.32
CA GLY A 337 15.78 20.85 -14.87
C GLY A 337 16.91 20.14 -15.50
N LEU A 338 17.42 19.15 -14.78
CA LEU A 338 18.59 18.39 -15.22
C LEU A 338 18.26 17.46 -16.38
N VAL A 339 17.01 16.94 -16.38
CA VAL A 339 16.56 16.19 -17.52
C VAL A 339 16.31 17.10 -18.70
N GLY A 340 15.69 18.26 -18.41
CA GLY A 340 15.32 19.27 -19.37
C GLY A 340 16.45 19.81 -20.24
N ASN A 341 17.60 20.05 -19.63
CA ASN A 341 18.74 20.49 -20.39
C ASN A 341 19.71 19.39 -20.84
N GLY A 342 19.30 18.13 -20.67
CA GLY A 342 20.07 16.97 -21.14
C GLY A 342 21.26 16.61 -20.27
N SER A 343 21.39 17.24 -19.10
CA SER A 343 22.43 16.83 -18.16
C SER A 343 22.29 15.37 -17.71
N ILE A 344 21.03 14.89 -17.67
CA ILE A 344 20.74 13.49 -17.42
C ILE A 344 19.99 13.03 -18.63
N GLY A 345 20.56 12.05 -19.29
CA GLY A 345 19.99 11.50 -20.50
C GLY A 345 19.93 9.99 -20.45
N GLU A 346 20.12 9.39 -21.63
CA GLU A 346 19.96 7.95 -21.80
C GLU A 346 20.86 7.20 -20.83
N GLY A 347 20.28 6.21 -20.14
CA GLY A 347 20.98 5.48 -19.06
C GLY A 347 20.85 6.12 -17.70
N GLY A 348 20.20 7.28 -17.64
CA GLY A 348 20.06 8.04 -16.41
C GLY A 348 19.37 7.29 -15.27
N ARG A 349 19.65 7.74 -14.05
CA ARG A 349 19.02 7.14 -12.83
C ARG A 349 18.70 8.28 -11.88
N VAL A 350 17.41 8.41 -11.53
CA VAL A 350 17.05 9.31 -10.47
C VAL A 350 16.59 8.46 -9.30
N ILE A 351 17.07 8.79 -8.11
CA ILE A 351 16.58 8.12 -6.92
C ILE A 351 16.20 9.12 -5.85
N GLY A 352 14.97 8.96 -5.34
CA GLY A 352 14.48 9.88 -4.29
C GLY A 352 14.42 9.24 -2.89
N LEU A 353 14.61 10.03 -1.84
CA LEU A 353 14.46 9.56 -0.47
C LEU A 353 13.01 9.79 -0.09
N SER A 354 12.24 8.70 0.05
CA SER A 354 10.90 8.85 0.65
C SER A 354 11.12 8.57 2.10
N SER A 355 10.12 8.13 2.83
CA SER A 355 10.32 7.55 4.15
C SER A 355 9.01 6.94 4.57
N ILE A 356 9.07 6.26 5.69
CA ILE A 356 7.91 5.47 6.20
C ILE A 356 6.87 6.42 6.62
N ALA A 357 7.30 7.60 7.12
CA ALA A 357 6.29 8.69 7.35
C ALA A 357 5.39 9.03 6.18
N GLY A 358 5.98 9.11 4.99
CA GLY A 358 5.19 9.44 3.78
C GLY A 358 4.22 8.31 3.40
N ILE A 359 4.48 7.07 3.85
CA ILE A 359 3.56 5.92 3.59
C ILE A 359 2.51 5.75 4.68
N ALA A 360 2.95 5.78 5.93
CA ALA A 360 2.05 5.47 7.07
C ALA A 360 1.43 6.71 7.76
N GLY A 361 2.00 7.90 7.48
CA GLY A 361 1.69 9.09 8.29
C GLY A 361 2.46 9.04 9.61
N ASN A 362 2.65 10.22 10.22
CA ASN A 362 3.21 10.34 11.55
C ASN A 362 2.66 11.61 12.21
N ARG A 363 2.29 11.51 13.48
CA ARG A 363 1.91 12.68 14.32
C ARG A 363 2.98 13.78 14.25
N GLY A 364 2.55 15.04 14.11
CA GLY A 364 3.41 16.23 14.04
C GLY A 364 4.17 16.32 12.72
N GLN A 365 3.79 15.52 11.72
CA GLN A 365 4.48 15.54 10.39
C GLN A 365 3.57 15.66 9.16
N THR A 366 2.47 16.38 9.29
CA THR A 366 1.66 16.63 8.11
C THR A 366 2.49 17.32 6.98
N ASN A 367 3.44 18.16 7.36
CA ASN A 367 4.33 18.77 6.36
C ASN A 367 5.31 17.73 5.79
N TYR A 368 6.10 17.09 6.64
CA TYR A 368 7.10 16.14 6.20
C TYR A 368 6.53 14.89 5.47
N ALA A 369 5.54 14.23 6.08
CA ALA A 369 4.76 13.19 5.37
C ALA A 369 4.24 13.61 4.04
N THR A 370 3.57 14.78 3.94
CA THR A 370 3.10 15.22 2.60
C THR A 370 4.25 15.30 1.56
N THR A 371 5.40 15.80 2.00
CA THR A 371 6.56 15.81 1.09
C THR A 371 7.09 14.40 0.69
N LYS A 372 7.03 13.46 1.62
CA LYS A 372 7.58 12.10 1.40
C LYS A 372 6.62 11.20 0.61
N ALA A 373 5.30 11.37 0.82
CA ALA A 373 4.31 10.86 -0.12
C ALA A 373 4.39 11.54 -1.51
N GLY A 374 4.75 12.82 -1.51
CA GLY A 374 5.02 13.55 -2.72
C GLY A 374 6.18 13.03 -3.51
N MET A 375 7.20 12.53 -2.84
CA MET A 375 8.38 11.95 -3.46
C MET A 375 7.96 10.58 -4.16
N ILE A 376 7.07 9.83 -3.55
CA ILE A 376 6.46 8.67 -4.16
C ILE A 376 5.64 9.15 -5.37
N GLY A 377 4.96 10.27 -5.24
CA GLY A 377 4.23 10.85 -6.37
C GLY A 377 5.16 11.19 -7.57
N ILE A 378 6.32 11.78 -7.27
CA ILE A 378 7.25 12.15 -8.35
C ILE A 378 7.69 10.81 -9.00
N THR A 379 8.06 9.83 -8.16
CA THR A 379 8.54 8.53 -8.64
C THR A 379 7.57 7.89 -9.64
N GLN A 380 6.30 7.86 -9.25
CA GLN A 380 5.31 7.20 -10.02
C GLN A 380 4.93 8.06 -11.24
N ALA A 381 4.87 9.40 -11.07
CA ALA A 381 4.30 10.24 -12.16
C ALA A 381 5.26 10.40 -13.34
N LEU A 382 6.52 10.62 -13.00
CA LEU A 382 7.57 10.81 -13.98
C LEU A 382 8.09 9.50 -14.60
N ALA A 383 7.88 8.35 -13.96
CA ALA A 383 8.41 7.09 -14.57
C ALA A 383 8.05 6.88 -16.06
N PRO A 384 6.75 7.06 -16.49
CA PRO A 384 6.43 6.83 -17.90
C PRO A 384 7.19 7.74 -18.86
N GLY A 385 7.16 9.04 -18.60
CA GLY A 385 7.85 9.95 -19.51
C GLY A 385 9.35 9.79 -19.46
N LEU A 386 9.88 9.52 -18.29
CA LEU A 386 11.34 9.31 -18.22
C LEU A 386 11.81 8.05 -18.97
N ALA A 387 11.00 6.99 -18.86
CA ALA A 387 11.30 5.72 -19.54
C ALA A 387 11.48 5.94 -21.06
N ALA A 388 10.69 6.85 -21.63
CA ALA A 388 10.77 7.21 -23.05
C ALA A 388 12.12 7.89 -23.36
N LYS A 389 12.76 8.46 -22.34
CA LYS A 389 14.10 9.06 -22.48
C LYS A 389 15.21 8.11 -22.00
N GLY A 390 14.83 6.90 -21.64
CA GLY A 390 15.87 5.92 -21.21
C GLY A 390 16.42 6.23 -19.81
N ILE A 391 15.58 6.82 -18.94
CA ILE A 391 15.98 7.16 -17.55
C ILE A 391 15.05 6.39 -16.58
N THR A 392 15.61 5.76 -15.54
CA THR A 392 14.71 5.19 -14.53
C THR A 392 14.50 6.19 -13.33
N ILE A 393 13.40 6.04 -12.62
CA ILE A 393 13.26 6.80 -11.37
C ILE A 393 12.62 5.88 -10.34
N ASN A 394 13.18 5.90 -9.15
CA ASN A 394 12.76 5.04 -8.07
C ASN A 394 12.95 5.80 -6.72
N ALA A 395 12.45 5.24 -5.63
CA ALA A 395 12.55 5.94 -4.33
C ALA A 395 12.87 4.87 -3.25
N VAL A 396 13.70 5.22 -2.28
CA VAL A 396 13.87 4.43 -1.08
C VAL A 396 13.18 5.12 0.10
N ALA A 397 12.57 4.35 1.00
CA ALA A 397 11.85 4.90 2.11
C ALA A 397 12.44 4.29 3.35
N PRO A 398 13.42 4.94 3.97
CA PRO A 398 13.97 4.30 5.18
C PRO A 398 12.98 4.26 6.38
N GLY A 399 13.22 3.31 7.29
CA GLY A 399 12.47 3.14 8.54
C GLY A 399 13.30 3.77 9.63
N PHE A 400 13.61 3.00 10.70
CA PHE A 400 14.36 3.53 11.79
C PHE A 400 15.84 3.27 11.51
N ILE A 401 16.61 4.32 11.29
CA ILE A 401 18.03 4.22 11.05
C ILE A 401 18.84 4.94 12.10
N GLU A 402 19.78 4.24 12.68
CA GLU A 402 20.67 4.82 13.65
C GLU A 402 21.40 5.98 13.01
N THR A 403 21.39 7.14 13.62
CA THR A 403 22.25 8.25 13.20
C THR A 403 22.49 9.13 14.39
N ARG A 414 12.45 6.16 21.09
CA ARG A 414 13.65 5.65 20.44
C ARG A 414 13.74 4.14 20.63
N GLU A 415 13.57 3.72 21.89
CA GLU A 415 13.48 2.31 22.27
C GLU A 415 12.35 1.57 21.52
N VAL A 416 11.19 2.21 21.35
CA VAL A 416 10.05 1.54 20.70
C VAL A 416 10.26 1.31 19.18
N GLY A 417 10.69 2.32 18.44
CA GLY A 417 10.87 2.22 16.98
C GLY A 417 12.08 1.38 16.58
N ARG A 418 13.10 1.31 17.45
CA ARG A 418 14.24 0.41 17.24
C ARG A 418 13.83 -1.07 17.07
N ARG A 419 12.94 -1.55 17.95
CA ARG A 419 12.60 -2.97 18.05
C ARG A 419 11.40 -3.41 17.22
N LEU A 420 10.54 -2.46 16.81
CA LEU A 420 9.27 -2.85 16.22
C LEU A 420 9.41 -3.10 14.69
N ASN A 421 10.14 -4.15 14.39
CA ASN A 421 10.45 -4.62 13.06
C ASN A 421 10.95 -6.07 13.17
N SER A 422 10.86 -6.80 12.05
CA SER A 422 11.09 -8.27 12.05
C SER A 422 12.54 -8.53 12.44
N LEU A 423 13.42 -7.60 12.06
CA LEU A 423 14.84 -7.75 12.39
C LEU A 423 15.26 -7.34 13.79
N LEU A 424 14.33 -6.76 14.56
CA LEU A 424 14.55 -6.52 15.96
C LEU A 424 15.64 -5.48 16.24
N GLN A 425 15.87 -4.54 15.30
CA GLN A 425 16.98 -3.62 15.48
C GLN A 425 16.82 -2.47 14.51
N GLY A 426 17.51 -1.38 14.81
CA GLY A 426 17.40 -0.23 13.91
C GLY A 426 18.30 -0.46 12.72
N GLY A 427 18.09 0.26 11.63
CA GLY A 427 19.04 0.11 10.50
C GLY A 427 20.32 0.94 10.56
N GLN A 428 21.18 0.80 9.56
CA GLN A 428 22.43 1.56 9.51
C GLN A 428 22.44 2.39 8.18
N PRO A 429 23.12 3.55 8.18
CA PRO A 429 23.02 4.35 6.94
C PRO A 429 23.52 3.60 5.70
N VAL A 430 24.50 2.71 5.86
CA VAL A 430 24.93 1.82 4.73
C VAL A 430 23.73 1.08 4.07
N ASP A 431 22.73 0.68 4.89
CA ASP A 431 21.68 -0.21 4.38
C ASP A 431 20.81 0.55 3.42
N VAL A 432 20.66 1.85 3.68
CA VAL A 432 19.84 2.72 2.82
C VAL A 432 20.68 3.02 1.56
N ALA A 433 22.01 3.23 1.76
CA ALA A 433 22.89 3.48 0.60
C ALA A 433 22.89 2.37 -0.41
N GLU A 434 22.77 1.13 0.06
CA GLU A 434 22.88 -0.04 -0.79
C GLU A 434 21.62 -0.11 -1.64
N ALA A 435 20.50 0.11 -0.99
CA ALA A 435 19.29 0.10 -1.75
C ALA A 435 19.41 1.12 -2.90
N ILE A 436 19.94 2.31 -2.59
CA ILE A 436 20.02 3.37 -3.61
C ILE A 436 21.01 2.98 -4.73
N ALA A 437 22.16 2.45 -4.35
CA ALA A 437 23.19 1.98 -5.30
C ALA A 437 22.67 0.83 -6.20
N TYR A 438 21.76 0.00 -5.68
CA TYR A 438 21.08 -1.06 -6.46
C TYR A 438 20.27 -0.41 -7.60
N PHE A 439 19.45 0.58 -7.31
CA PHE A 439 18.76 1.28 -8.39
C PHE A 439 19.65 2.03 -9.37
N ALA A 440 20.77 2.52 -8.85
CA ALA A 440 21.70 3.30 -9.64
C ALA A 440 22.44 2.51 -10.65
N SER A 441 22.47 1.20 -10.45
CA SER A 441 23.22 0.35 -11.31
C SER A 441 22.83 0.54 -12.81
N PRO A 442 23.84 0.56 -13.70
CA PRO A 442 23.59 0.53 -15.14
C PRO A 442 22.80 -0.73 -15.53
N ALA A 443 22.94 -1.83 -14.77
CA ALA A 443 22.10 -3.03 -14.97
C ALA A 443 20.64 -2.98 -14.43
N SER A 444 20.27 -1.94 -13.67
CA SER A 444 18.86 -1.85 -13.25
C SER A 444 17.98 -1.02 -14.15
N ASN A 445 18.19 -1.07 -15.48
CA ASN A 445 17.42 -0.22 -16.36
C ASN A 445 15.99 -0.73 -16.48
N ALA A 446 15.74 -2.01 -16.14
CA ALA A 446 14.34 -2.52 -16.19
C ALA A 446 13.62 -2.34 -14.85
N VAL A 447 14.23 -1.57 -13.94
CA VAL A 447 13.61 -1.22 -12.66
C VAL A 447 13.19 0.28 -12.55
N THR A 448 11.90 0.62 -12.63
CA THR A 448 11.50 2.03 -12.53
C THR A 448 10.18 2.15 -11.82
N GLY A 449 9.89 3.35 -11.27
CA GLY A 449 8.64 3.59 -10.57
C GLY A 449 8.51 2.79 -9.26
N ASN A 450 9.59 2.21 -8.77
CA ASN A 450 9.51 1.42 -7.54
C ASN A 450 9.72 2.27 -6.27
N VAL A 451 9.06 1.90 -5.17
CA VAL A 451 9.25 2.51 -3.88
C VAL A 451 9.60 1.33 -2.94
N ILE A 452 10.82 1.33 -2.47
CA ILE A 452 11.26 0.27 -1.57
C ILE A 452 11.64 0.78 -0.16
N ARG A 453 10.94 0.28 0.86
CA ARG A 453 11.28 0.60 2.23
C ARG A 453 12.55 -0.08 2.67
N VAL A 454 13.36 0.62 3.49
CA VAL A 454 14.58 0.04 4.02
C VAL A 454 14.41 0.13 5.57
N CYS A 455 13.66 -0.83 6.12
CA CYS A 455 13.07 -0.66 7.46
C CYS A 455 13.13 -1.96 8.26
N GLY A 456 13.84 -2.99 7.77
CA GLY A 456 13.90 -4.26 8.54
C GLY A 456 12.52 -4.91 8.72
N GLN A 457 11.57 -4.56 7.85
CA GLN A 457 10.19 -4.97 7.99
C GLN A 457 9.50 -4.38 9.23
N ALA A 458 9.51 -3.04 9.30
CA ALA A 458 8.93 -2.36 10.45
C ALA A 458 7.43 -2.68 10.38
N MET A 459 6.88 -2.95 11.55
CA MET A 459 5.46 -3.21 11.72
C MET A 459 4.58 -2.06 11.21
N ILE A 460 5.00 -0.80 11.41
CA ILE A 460 4.21 0.40 10.91
C ILE A 460 4.01 0.47 9.37
N GLY A 461 2.80 0.76 8.89
CA GLY A 461 2.60 0.80 7.44
C GLY A 461 1.19 1.33 7.21
N ALA A 462 0.80 1.31 5.94
CA ALA A 462 -0.52 1.67 5.51
C ALA A 462 -1.32 0.44 5.26
N PRO B 37 -4.52 10.72 28.75
CA PRO B 37 -4.82 10.77 27.31
C PRO B 37 -5.51 9.49 26.77
N GLN B 38 -6.86 9.43 26.80
CA GLN B 38 -7.60 8.14 26.71
C GLN B 38 -8.67 7.97 25.60
N PRO B 39 -9.20 6.73 25.42
CA PRO B 39 -10.20 6.42 24.37
C PRO B 39 -11.56 7.07 24.54
N GLU B 40 -12.04 7.63 23.44
CA GLU B 40 -13.36 8.23 23.35
C GLU B 40 -14.40 7.12 23.19
N THR B 41 -15.53 7.24 23.88
CA THR B 41 -16.68 6.41 23.50
C THR B 41 -17.14 6.89 22.16
N LEU B 42 -17.00 6.01 21.16
CA LEU B 42 -17.23 6.42 19.77
C LEU B 42 -18.71 6.53 19.50
N ARG B 43 -19.10 7.61 18.83
CA ARG B 43 -20.47 7.74 18.34
C ARG B 43 -20.78 6.67 17.25
N ARG B 44 -21.95 6.01 17.28
CA ARG B 44 -22.35 5.03 16.28
C ARG B 44 -23.76 5.34 15.73
N TYR B 45 -24.15 4.77 14.60
CA TYR B 45 -25.49 5.02 14.04
C TYR B 45 -26.67 4.77 14.97
N ARG B 46 -27.56 5.73 15.08
CA ARG B 46 -28.76 5.56 15.83
C ARG B 46 -29.81 6.25 14.94
N ALA B 47 -30.89 5.50 14.65
CA ALA B 47 -32.06 5.99 13.91
C ALA B 47 -32.56 7.39 14.35
N GLY B 48 -32.77 8.27 13.38
CA GLY B 48 -33.43 9.52 13.65
C GLY B 48 -32.48 10.67 13.94
N GLU B 49 -31.25 10.37 14.33
CA GLU B 49 -30.34 11.45 14.66
C GLU B 49 -29.82 12.09 13.36
N PRO B 50 -29.41 13.39 13.41
CA PRO B 50 -28.67 13.95 12.27
C PRO B 50 -27.37 13.17 12.08
N PRO B 51 -26.87 13.09 10.82
CA PRO B 51 -25.64 12.35 10.52
C PRO B 51 -24.43 12.84 11.33
N LEU B 52 -24.29 14.16 11.51
CA LEU B 52 -23.18 14.76 12.28
C LEU B 52 -23.71 15.41 13.53
N THR B 53 -22.84 15.54 14.54
CA THR B 53 -23.32 16.20 15.78
C THR B 53 -22.96 17.66 15.75
N GLY B 54 -22.11 18.08 14.81
CA GLY B 54 -21.93 19.53 14.63
C GLY B 54 -22.26 19.97 13.22
N SER B 55 -21.82 21.17 12.89
CA SER B 55 -22.06 21.74 11.57
C SER B 55 -21.06 21.20 10.53
N LEU B 56 -21.40 21.38 9.26
CA LEU B 56 -20.53 20.89 8.18
C LEU B 56 -19.89 22.01 7.38
N LEU B 57 -18.55 22.08 7.44
CA LEU B 57 -17.79 23.06 6.67
C LEU B 57 -17.08 22.46 5.49
N ILE B 58 -17.40 23.01 4.31
CA ILE B 58 -16.83 22.57 3.08
C ILE B 58 -16.00 23.73 2.52
N GLY B 59 -14.71 23.46 2.36
CA GLY B 59 -13.74 24.48 2.01
C GLY B 59 -12.90 24.01 0.87
N GLY B 60 -11.90 24.80 0.54
CA GLY B 60 -11.05 24.49 -0.59
C GLY B 60 -11.53 25.01 -1.91
N ALA B 61 -10.94 24.48 -2.98
CA ALA B 61 -11.24 25.02 -4.30
C ALA B 61 -11.06 23.92 -5.32
N GLY B 62 -11.88 23.98 -6.35
CA GLY B 62 -11.90 22.93 -7.35
C GLY B 62 -13.34 22.61 -7.72
N ARG B 63 -13.53 21.40 -8.18
CA ARG B 63 -14.74 21.04 -8.89
C ARG B 63 -15.86 20.40 -8.07
N VAL B 64 -15.56 20.15 -6.81
CA VAL B 64 -16.38 19.37 -5.85
C VAL B 64 -17.05 20.24 -4.77
N VAL B 65 -16.39 21.32 -4.34
CA VAL B 65 -16.95 22.17 -3.28
C VAL B 65 -18.42 22.60 -3.49
N GLU B 66 -18.74 23.06 -4.69
CA GLU B 66 -20.07 23.69 -4.90
C GLU B 66 -21.21 22.65 -5.04
N PRO B 67 -21.01 21.61 -5.88
CA PRO B 67 -22.00 20.53 -5.96
C PRO B 67 -22.17 19.72 -4.68
N LEU B 68 -21.10 19.52 -3.92
CA LEU B 68 -21.21 18.85 -2.61
C LEU B 68 -22.04 19.66 -1.63
N ARG B 69 -21.77 20.96 -1.56
CA ARG B 69 -22.67 21.87 -0.83
C ARG B 69 -24.12 21.68 -1.26
N ALA B 70 -24.40 21.81 -2.55
CA ALA B 70 -25.79 21.68 -3.00
C ALA B 70 -26.39 20.33 -2.61
N ALA B 71 -25.59 19.27 -2.67
CA ALA B 71 -26.07 17.91 -2.38
C ALA B 71 -26.32 17.69 -0.90
N LEU B 72 -25.43 18.18 -0.04
CA LEU B 72 -25.55 17.94 1.40
C LEU B 72 -26.35 19.01 2.16
N GLU B 73 -26.63 20.14 1.49
CA GLU B 73 -27.51 21.24 1.95
C GLU B 73 -28.69 20.83 2.87
N LYS B 74 -29.52 19.92 2.38
CA LYS B 74 -30.78 19.63 3.07
C LYS B 74 -30.74 18.56 4.17
N ASP B 75 -29.64 17.78 4.31
CA ASP B 75 -29.57 16.81 5.40
C ASP B 75 -28.49 17.18 6.44
N TYR B 76 -27.59 18.08 6.07
CA TYR B 76 -26.47 18.47 6.91
C TYR B 76 -26.62 19.92 7.29
N ASP B 77 -25.92 20.35 8.35
CA ASP B 77 -26.06 21.72 8.81
C ASP B 77 -24.87 22.53 8.29
N LEU B 78 -25.02 23.10 7.10
CA LEU B 78 -23.92 23.81 6.44
C LEU B 78 -23.53 25.12 7.09
N VAL B 79 -22.23 25.38 7.16
CA VAL B 79 -21.67 26.71 7.48
C VAL B 79 -20.93 27.36 6.31
N ASP B 89 -21.86 26.45 16.77
CA ASP B 89 -21.73 25.01 16.95
C ASP B 89 -20.26 24.53 16.82
N SER B 90 -20.00 23.29 17.23
CA SER B 90 -18.80 22.59 16.79
C SER B 90 -18.92 22.25 15.32
N PHE B 91 -17.77 22.12 14.68
CA PHE B 91 -17.71 21.42 13.40
C PHE B 91 -17.86 19.93 13.67
N GLY B 92 -18.95 19.35 13.17
CA GLY B 92 -19.04 17.88 13.08
C GLY B 92 -18.20 17.33 11.92
N GLY B 93 -18.05 18.12 10.86
CA GLY B 93 -17.37 17.68 9.63
C GLY B 93 -16.58 18.81 9.00
N LEU B 94 -15.36 18.51 8.57
CA LEU B 94 -14.54 19.42 7.79
C LEU B 94 -14.21 18.74 6.45
N VAL B 95 -14.68 19.32 5.35
CA VAL B 95 -14.39 18.73 4.02
C VAL B 95 -13.56 19.74 3.25
N PHE B 96 -12.43 19.27 2.73
CA PHE B 96 -11.55 20.15 1.92
C PHE B 96 -11.51 19.63 0.50
N ASP B 97 -11.93 20.46 -0.46
CA ASP B 97 -11.79 20.17 -1.90
C ASP B 97 -10.37 20.53 -2.33
N ALA B 98 -9.52 19.50 -2.49
CA ALA B 98 -8.16 19.57 -3.01
C ALA B 98 -8.06 19.36 -4.53
N THR B 99 -9.18 19.15 -5.21
CA THR B 99 -9.11 18.76 -6.67
C THR B 99 -8.45 19.87 -7.49
N GLY B 100 -8.47 21.08 -6.96
CA GLY B 100 -7.92 22.27 -7.65
C GLY B 100 -6.41 22.41 -7.46
N ILE B 101 -5.82 21.52 -6.67
CA ILE B 101 -4.38 21.59 -6.43
C ILE B 101 -3.64 20.83 -7.51
N THR B 102 -3.00 21.55 -8.46
CA THR B 102 -2.32 20.90 -9.61
C THR B 102 -0.80 21.00 -9.58
N GLU B 103 -0.25 21.60 -8.55
CA GLU B 103 1.20 21.62 -8.37
C GLU B 103 1.53 21.46 -6.90
N PRO B 104 2.70 20.91 -6.60
CA PRO B 104 3.08 20.80 -5.22
C PRO B 104 3.11 22.12 -4.45
N ALA B 105 3.51 23.25 -5.08
CA ALA B 105 3.38 24.56 -4.42
C ALA B 105 1.95 24.85 -3.83
N GLY B 106 0.89 24.37 -4.47
CA GLY B 106 -0.46 24.58 -3.98
C GLY B 106 -0.91 23.74 -2.79
N LEU B 107 -0.07 22.80 -2.33
CA LEU B 107 -0.43 21.96 -1.19
C LEU B 107 -0.62 22.78 0.09
N LYS B 108 -0.09 24.01 0.08
CA LYS B 108 -0.24 25.01 1.11
C LYS B 108 -1.69 25.26 1.52
N GLY B 109 -2.59 25.28 0.55
CA GLY B 109 -4.04 25.35 0.84
C GLY B 109 -4.61 24.42 1.90
N LEU B 110 -4.04 23.22 2.03
CA LEU B 110 -4.36 22.26 3.11
C LEU B 110 -4.13 22.90 4.48
N HIS B 111 -2.93 23.45 4.66
CA HIS B 111 -2.56 24.19 5.84
C HIS B 111 -3.53 25.40 6.08
N GLU B 112 -3.70 26.20 5.05
CA GLU B 112 -4.45 27.43 5.19
C GLU B 112 -5.88 27.17 5.58
N PHE B 113 -6.41 26.01 5.19
CA PHE B 113 -7.81 25.71 5.48
C PHE B 113 -7.94 25.06 6.87
N PHE B 114 -7.17 23.98 7.09
CA PHE B 114 -7.25 23.22 8.34
C PHE B 114 -6.72 23.91 9.60
N THR B 115 -5.56 24.58 9.53
CA THR B 115 -4.97 25.05 10.78
C THR B 115 -5.95 25.97 11.61
N PRO B 116 -6.59 26.97 10.98
CA PRO B 116 -7.51 27.82 11.78
C PRO B 116 -8.76 27.14 12.35
N VAL B 117 -9.16 26.01 11.79
CA VAL B 117 -10.45 25.41 12.14
C VAL B 117 -10.40 24.12 12.96
N LEU B 118 -9.21 23.54 13.16
CA LEU B 118 -9.12 22.27 13.91
C LEU B 118 -9.56 22.37 15.39
N ARG B 119 -9.39 23.57 15.98
CA ARG B 119 -9.81 23.87 17.35
C ARG B 119 -11.29 23.63 17.50
N ASN B 120 -12.04 23.87 16.43
CA ASN B 120 -13.49 23.75 16.48
C ASN B 120 -14.11 22.41 16.10
N LEU B 121 -13.26 21.41 15.82
CA LEU B 121 -13.75 20.10 15.47
C LEU B 121 -14.21 19.44 16.73
N GLY B 122 -15.47 18.98 16.72
CA GLY B 122 -16.08 18.23 17.83
C GLY B 122 -15.64 16.78 18.00
N ARG B 123 -16.18 16.16 19.06
CA ARG B 123 -16.01 14.77 19.37
C ARG B 123 -16.52 13.90 18.21
N CYS B 124 -15.72 12.89 17.85
CA CYS B 124 -15.98 12.00 16.71
C CYS B 124 -16.25 12.77 15.43
N GLY B 125 -15.50 13.84 15.22
CA GLY B 125 -15.77 14.71 14.09
C GLY B 125 -15.08 14.03 12.89
N ARG B 126 -15.47 14.43 11.69
CA ARG B 126 -15.02 13.84 10.45
C ARG B 126 -14.24 14.84 9.64
N VAL B 127 -13.00 14.50 9.32
CA VAL B 127 -12.18 15.24 8.33
C VAL B 127 -12.03 14.43 7.06
N VAL B 128 -12.41 15.03 5.95
CA VAL B 128 -12.26 14.33 4.66
C VAL B 128 -11.62 15.30 3.64
N VAL B 129 -10.56 14.85 3.00
CA VAL B 129 -9.97 15.53 1.85
C VAL B 129 -10.48 14.88 0.52
N VAL B 130 -10.98 15.66 -0.43
CA VAL B 130 -11.42 15.08 -1.67
C VAL B 130 -10.46 15.54 -2.76
N GLY B 131 -9.77 14.56 -3.39
CA GLY B 131 -8.88 14.78 -4.55
C GLY B 131 -9.32 14.19 -5.89
N GLY B 132 -8.53 14.46 -6.94
CA GLY B 132 -8.66 13.75 -8.23
C GLY B 132 -7.73 12.56 -8.27
N THR B 133 -8.26 11.44 -8.79
CA THR B 133 -7.49 10.17 -8.98
C THR B 133 -6.14 10.53 -9.55
N PRO B 134 -5.04 10.16 -8.84
CA PRO B 134 -3.75 10.65 -9.27
C PRO B 134 -3.38 10.18 -10.71
N GLU B 135 -3.60 8.91 -11.05
CA GLU B 135 -3.18 8.36 -12.39
C GLU B 135 -3.89 9.02 -13.56
N ALA B 136 -4.97 9.73 -13.25
CA ALA B 136 -5.86 10.28 -14.25
C ALA B 136 -5.72 11.83 -14.35
N ALA B 137 -4.71 12.37 -13.67
CA ALA B 137 -4.49 13.81 -13.64
C ALA B 137 -4.05 14.29 -15.01
N ALA B 138 -4.28 15.58 -15.24
CA ALA B 138 -3.95 16.21 -16.46
C ALA B 138 -2.48 16.58 -16.62
N SER B 139 -1.63 16.33 -15.60
CA SER B 139 -0.22 16.67 -15.69
C SER B 139 0.53 15.83 -14.68
N THR B 140 1.85 15.76 -14.82
CA THR B 140 2.64 15.07 -13.80
C THR B 140 2.68 15.83 -12.44
N ASN B 141 2.78 17.16 -12.52
CA ASN B 141 2.58 18.05 -11.36
C ASN B 141 1.29 17.79 -10.56
N GLU B 142 0.14 17.73 -11.24
CA GLU B 142 -1.11 17.40 -10.57
C GLU B 142 -1.08 15.99 -9.95
N ARG B 143 -0.50 15.00 -10.64
CA ARG B 143 -0.38 13.64 -10.11
C ARG B 143 0.37 13.64 -8.82
N ILE B 144 1.57 14.26 -8.83
CA ILE B 144 2.42 14.37 -7.62
C ILE B 144 1.67 14.99 -6.45
N ALA B 145 0.97 16.11 -6.70
CA ALA B 145 0.24 16.81 -5.65
C ALA B 145 -0.88 15.93 -5.12
N GLN B 146 -1.58 15.24 -6.02
CA GLN B 146 -2.81 14.50 -5.65
C GLN B 146 -2.37 13.25 -4.88
N ARG B 147 -1.26 12.67 -5.28
CA ARG B 147 -0.66 11.53 -4.58
C ARG B 147 -0.17 11.97 -3.18
N ALA B 148 0.48 13.15 -3.08
CA ALA B 148 1.03 13.69 -1.80
C ALA B 148 -0.05 13.76 -0.69
N LEU B 149 -1.32 13.93 -1.11
CA LEU B 149 -2.43 14.11 -0.18
C LEU B 149 -2.60 13.02 0.85
N GLU B 150 -2.23 11.80 0.46
CA GLU B 150 -2.23 10.66 1.39
C GLU B 150 -1.24 10.77 2.58
N GLY B 151 -0.01 11.25 2.38
CA GLY B 151 0.89 11.53 3.56
C GLY B 151 0.24 12.48 4.56
N PHE B 152 -0.51 13.48 4.04
CA PHE B 152 -1.24 14.45 4.84
C PHE B 152 -2.38 13.85 5.63
N THR B 153 -3.30 13.14 4.96
CA THR B 153 -4.44 12.63 5.66
C THR B 153 -4.09 11.53 6.63
N ARG B 154 -3.17 10.61 6.28
CA ARG B 154 -2.73 9.63 7.31
C ARG B 154 -2.02 10.33 8.49
N SER B 155 -1.20 11.35 8.21
CA SER B 155 -0.62 12.03 9.36
C SER B 155 -1.64 12.76 10.25
N LEU B 156 -2.67 13.35 9.67
CA LEU B 156 -3.58 14.14 10.42
C LEU B 156 -4.47 13.23 11.28
N GLY B 157 -4.72 12.02 10.79
CA GLY B 157 -5.43 11.00 11.59
C GLY B 157 -4.76 10.73 12.90
N LYS B 158 -3.41 10.76 12.89
CA LYS B 158 -2.65 10.50 14.12
C LYS B 158 -2.52 11.72 15.07
N GLU B 159 -3.17 12.82 14.72
CA GLU B 159 -3.21 14.06 15.52
C GLU B 159 -4.60 14.39 16.09
N LEU B 160 -5.66 14.03 15.39
CA LEU B 160 -6.99 14.42 15.80
C LEU B 160 -7.33 13.77 17.12
N ARG B 161 -8.21 14.46 17.87
CA ARG B 161 -8.54 14.09 19.24
C ARG B 161 -9.98 13.68 19.36
N ARG B 162 -10.32 13.07 20.51
CA ARG B 162 -11.73 12.82 20.90
C ARG B 162 -12.54 12.02 19.88
N GLY B 163 -11.92 10.94 19.38
CA GLY B 163 -12.52 10.01 18.41
C GLY B 163 -12.71 10.48 16.97
N ALA B 164 -12.29 11.72 16.69
CA ALA B 164 -12.37 12.25 15.32
C ALA B 164 -11.46 11.47 14.33
N THR B 165 -11.84 11.43 13.06
CA THR B 165 -11.20 10.60 12.03
C THR B 165 -10.90 11.42 10.77
N THR B 166 -9.96 10.91 9.96
CA THR B 166 -9.63 11.44 8.61
C THR B 166 -9.90 10.42 7.52
N ALA B 167 -10.23 10.90 6.32
CA ALA B 167 -10.30 10.07 5.16
C ALA B 167 -9.84 10.90 3.93
N LEU B 168 -9.39 10.19 2.91
CA LEU B 168 -9.03 10.77 1.60
C LEU B 168 -9.93 10.12 0.59
N VAL B 169 -10.70 10.91 -0.18
CA VAL B 169 -11.47 10.39 -1.27
C VAL B 169 -10.94 10.99 -2.58
N TYR B 170 -10.58 10.11 -3.51
CA TYR B 170 -10.34 10.49 -4.91
C TYR B 170 -11.56 10.27 -5.82
N LEU B 171 -11.85 11.27 -6.65
CA LEU B 171 -12.93 11.24 -7.61
C LEU B 171 -12.30 11.34 -9.01
N SER B 172 -12.61 10.39 -9.87
CA SER B 172 -12.30 10.49 -11.34
C SER B 172 -12.55 11.88 -11.90
N PRO B 173 -11.55 12.46 -12.64
CA PRO B 173 -11.74 13.71 -13.35
C PRO B 173 -12.87 13.58 -14.35
N ASP B 174 -13.22 12.36 -14.74
CA ASP B 174 -14.38 12.18 -15.66
C ASP B 174 -15.79 12.22 -15.07
N ALA B 175 -15.93 12.29 -13.74
CA ALA B 175 -17.29 12.41 -13.16
C ALA B 175 -17.92 13.69 -13.69
N LYS B 176 -19.23 13.66 -13.89
CA LYS B 176 -19.94 14.87 -14.20
C LYS B 176 -19.79 15.95 -13.10
N PRO B 177 -19.98 17.24 -13.49
CA PRO B 177 -19.94 18.36 -12.53
C PRO B 177 -20.80 18.12 -11.24
N ALA B 178 -22.08 17.70 -11.33
CA ALA B 178 -22.82 17.37 -10.07
C ALA B 178 -22.25 16.30 -9.12
N ALA B 179 -21.39 15.40 -9.60
CA ALA B 179 -20.72 14.37 -8.76
C ALA B 179 -21.66 13.51 -7.91
N THR B 180 -22.84 13.22 -8.43
CA THR B 180 -23.76 12.28 -7.78
C THR B 180 -23.14 10.90 -7.40
N GLY B 181 -22.09 10.44 -8.12
CA GLY B 181 -21.37 9.18 -7.75
C GLY B 181 -20.53 9.22 -6.46
N LEU B 182 -20.22 10.43 -6.05
CA LEU B 182 -19.52 10.74 -4.82
C LEU B 182 -20.43 10.72 -3.53
N GLU B 183 -21.75 10.87 -3.68
CA GLU B 183 -22.58 11.09 -2.53
C GLU B 183 -22.67 9.95 -1.51
N SER B 184 -22.87 8.70 -1.95
CA SER B 184 -22.84 7.63 -0.92
C SER B 184 -21.57 7.60 -0.11
N THR B 185 -20.42 7.86 -0.75
CA THR B 185 -19.12 7.82 -0.02
C THR B 185 -19.09 8.91 1.08
N MET B 186 -19.44 10.13 0.69
CA MET B 186 -19.48 11.30 1.60
C MET B 186 -20.50 11.10 2.72
N ARG B 187 -21.73 10.66 2.38
CA ARG B 187 -22.71 10.30 3.41
C ARG B 187 -22.28 9.21 4.40
N PHE B 188 -21.60 8.16 3.93
CA PHE B 188 -21.01 7.18 4.85
C PHE B 188 -19.89 7.82 5.70
N LEU B 189 -18.97 8.51 5.06
CA LEU B 189 -17.95 9.13 5.88
C LEU B 189 -18.45 10.19 6.88
N LEU B 190 -19.35 11.08 6.44
CA LEU B 190 -19.90 12.16 7.25
C LEU B 190 -21.09 11.63 8.01
N SER B 191 -20.82 10.74 8.95
CA SER B 191 -21.83 10.09 9.74
C SER B 191 -21.21 9.22 10.80
N ALA B 192 -22.06 8.71 11.69
CA ALA B 192 -21.55 7.90 12.80
C ALA B 192 -21.19 6.49 12.29
N LYS B 193 -21.69 6.16 11.11
CA LYS B 193 -21.48 4.81 10.57
C LYS B 193 -20.00 4.46 10.38
N SER B 194 -19.19 5.45 10.06
CA SER B 194 -17.79 5.28 9.72
C SER B 194 -16.94 5.35 10.97
N ALA B 195 -17.59 5.12 12.12
CA ALA B 195 -16.96 5.26 13.44
C ALA B 195 -15.55 4.65 13.53
N TYR B 196 -15.33 3.45 12.99
CA TYR B 196 -14.00 2.79 13.13
C TYR B 196 -13.14 2.81 11.85
N VAL B 197 -13.57 3.54 10.82
CA VAL B 197 -12.80 3.72 9.58
C VAL B 197 -11.98 4.99 9.66
N ASP B 198 -10.66 4.89 9.59
CA ASP B 198 -9.84 6.05 9.87
C ASP B 198 -8.50 5.99 9.11
N GLY B 199 -8.12 7.14 8.54
CA GLY B 199 -6.84 7.28 7.81
C GLY B 199 -6.89 6.59 6.45
N GLN B 200 -8.06 6.18 5.98
CA GLN B 200 -8.09 5.40 4.71
C GLN B 200 -8.33 6.21 3.39
N VAL B 201 -8.32 5.50 2.26
CA VAL B 201 -8.41 6.11 0.92
C VAL B 201 -9.47 5.38 0.11
N PHE B 202 -10.40 6.16 -0.42
CA PHE B 202 -11.56 5.71 -1.16
C PHE B 202 -11.36 6.20 -2.56
N SER B 203 -11.74 5.34 -3.52
CA SER B 203 -11.63 5.67 -4.97
C SER B 203 -12.99 5.59 -5.74
N VAL B 204 -13.50 6.78 -6.12
CA VAL B 204 -14.79 6.88 -6.81
C VAL B 204 -14.53 7.12 -8.27
N GLY B 205 -15.29 6.39 -9.12
CA GLY B 205 -15.10 6.46 -10.59
C GLY B 205 -15.94 7.55 -11.20
N ALA B 206 -16.10 7.48 -12.50
CA ALA B 206 -16.81 8.52 -13.25
C ALA B 206 -18.31 8.36 -13.27
N ASP B 207 -18.85 7.24 -12.81
CA ASP B 207 -20.35 7.11 -13.16
C ASP B 207 -21.31 7.93 -12.35
N ASP B 208 -22.46 8.30 -12.96
CA ASP B 208 -23.49 8.95 -12.15
C ASP B 208 -24.15 7.98 -11.17
N SER B 209 -24.70 8.50 -10.08
CA SER B 209 -25.57 7.67 -9.23
C SER B 209 -27.00 8.11 -9.10
N THR B 210 -27.81 7.16 -8.62
CA THR B 210 -29.20 7.36 -8.31
C THR B 210 -29.33 7.22 -6.79
N PRO B 211 -29.85 8.24 -6.10
CA PRO B 211 -30.02 8.06 -4.67
C PRO B 211 -31.13 7.01 -4.39
N PRO B 212 -30.98 6.22 -3.31
CA PRO B 212 -32.07 5.34 -2.86
C PRO B 212 -33.27 6.16 -2.41
N ALA B 213 -34.45 5.59 -2.56
CA ALA B 213 -35.66 6.19 -2.02
C ALA B 213 -35.50 6.87 -0.65
N ASP B 214 -34.74 6.23 0.25
CA ASP B 214 -34.59 6.67 1.64
C ASP B 214 -33.16 6.34 2.08
N TRP B 215 -32.35 7.37 2.25
CA TRP B 215 -30.99 7.19 2.71
C TRP B 215 -30.87 6.44 4.04
N GLU B 216 -31.93 6.46 4.86
CA GLU B 216 -31.95 5.73 6.14
C GLU B 216 -32.36 4.27 5.96
N LYS B 217 -32.91 3.93 4.80
CA LYS B 217 -33.28 2.56 4.40
C LYS B 217 -32.68 2.19 3.02
N PRO B 218 -31.37 2.33 2.87
CA PRO B 218 -30.79 2.27 1.53
C PRO B 218 -30.89 0.90 0.84
N LEU B 219 -31.03 -0.19 1.62
CA LEU B 219 -31.07 -1.56 1.04
C LEU B 219 -32.52 -2.12 0.92
N ASP B 220 -33.48 -1.22 0.94
CA ASP B 220 -34.89 -1.63 0.85
C ASP B 220 -35.12 -2.33 -0.51
N GLY B 221 -35.80 -3.49 -0.50
CA GLY B 221 -36.11 -4.29 -1.73
C GLY B 221 -34.98 -5.21 -2.22
N LYS B 222 -33.83 -5.19 -1.52
CA LYS B 222 -32.61 -5.87 -1.96
C LYS B 222 -32.54 -7.20 -1.25
N VAL B 223 -31.96 -8.18 -1.93
CA VAL B 223 -31.74 -9.50 -1.38
C VAL B 223 -30.23 -9.64 -1.20
N ALA B 224 -29.81 -10.01 -0.01
CA ALA B 224 -28.37 -10.09 0.28
C ALA B 224 -28.06 -11.44 0.81
N ILE B 225 -26.99 -12.01 0.29
CA ILE B 225 -26.47 -13.25 0.78
C ILE B 225 -25.25 -12.92 1.60
N VAL B 226 -25.22 -13.47 2.81
CA VAL B 226 -24.13 -13.34 3.75
C VAL B 226 -23.64 -14.71 4.21
N THR B 227 -22.38 -15.03 3.89
CA THR B 227 -21.81 -16.28 4.37
C THR B 227 -21.21 -16.05 5.74
N GLY B 228 -20.98 -17.13 6.48
CA GLY B 228 -20.49 -17.03 7.90
C GLY B 228 -21.42 -16.21 8.79
N ALA B 229 -22.71 -16.32 8.54
CA ALA B 229 -23.74 -15.47 9.11
C ALA B 229 -24.25 -15.91 10.48
N ALA B 230 -23.81 -17.02 11.04
CA ALA B 230 -24.44 -17.49 12.31
C ALA B 230 -24.03 -16.64 13.54
N ARG B 231 -22.79 -16.15 13.52
CA ARG B 231 -22.21 -15.52 14.67
C ARG B 231 -21.27 -14.44 14.22
N GLY B 232 -20.85 -13.64 15.20
CA GLY B 232 -19.80 -12.67 15.05
C GLY B 232 -20.11 -11.68 13.96
N ILE B 233 -19.07 -11.31 13.20
CA ILE B 233 -19.22 -10.24 12.21
C ILE B 233 -20.34 -10.58 11.20
N GLY B 234 -20.43 -11.84 10.77
CA GLY B 234 -21.41 -12.25 9.75
C GLY B 234 -22.81 -12.04 10.25
N ALA B 235 -23.03 -12.39 11.52
CA ALA B 235 -24.36 -12.18 12.13
C ALA B 235 -24.71 -10.67 12.14
N THR B 236 -23.69 -9.83 12.37
CA THR B 236 -23.89 -8.37 12.48
C THR B 236 -24.11 -7.75 11.09
N ILE B 237 -23.41 -8.26 10.07
CA ILE B 237 -23.65 -7.83 8.70
C ILE B 237 -25.15 -8.08 8.42
N ALA B 238 -25.62 -9.28 8.72
CA ALA B 238 -27.02 -9.61 8.51
C ALA B 238 -27.96 -8.60 9.16
N GLU B 239 -27.64 -8.26 10.41
CA GLU B 239 -28.38 -7.30 11.21
C GLU B 239 -28.44 -5.95 10.55
N VAL B 240 -27.26 -5.44 10.20
CA VAL B 240 -27.17 -4.11 9.65
C VAL B 240 -27.81 -4.15 8.30
N PHE B 241 -27.63 -5.23 7.57
CA PHE B 241 -28.36 -5.37 6.31
C PHE B 241 -29.90 -5.30 6.50
N ALA B 242 -30.42 -6.04 7.47
CA ALA B 242 -31.88 -6.04 7.67
C ALA B 242 -32.36 -4.62 8.12
N ARG B 243 -31.58 -3.97 8.99
CA ARG B 243 -31.85 -2.60 9.43
C ARG B 243 -32.02 -1.63 8.26
N ASP B 244 -31.23 -1.83 7.22
CA ASP B 244 -31.23 -0.93 6.06
C ASP B 244 -32.27 -1.34 5.03
N GLY B 245 -33.06 -2.37 5.34
CA GLY B 245 -34.21 -2.79 4.50
C GLY B 245 -34.12 -4.08 3.67
N ALA B 246 -32.96 -4.73 3.68
CA ALA B 246 -32.66 -5.90 2.85
C ALA B 246 -33.30 -7.19 3.39
N HIS B 247 -33.53 -8.16 2.52
CA HIS B 247 -33.91 -9.52 2.93
C HIS B 247 -32.66 -10.39 2.89
N VAL B 248 -32.31 -10.98 4.01
CA VAL B 248 -31.02 -11.68 4.11
C VAL B 248 -31.14 -13.23 4.00
N VAL B 249 -30.31 -13.80 3.13
CA VAL B 249 -30.01 -15.23 3.12
C VAL B 249 -28.77 -15.42 3.97
N ALA B 250 -28.96 -16.06 5.11
CA ALA B 250 -27.91 -16.29 6.07
C ALA B 250 -27.34 -17.69 5.94
N ILE B 251 -26.08 -17.76 5.50
CA ILE B 251 -25.43 -19.01 5.23
C ILE B 251 -24.38 -19.34 6.31
N ASP B 252 -24.40 -20.59 6.77
CA ASP B 252 -23.30 -21.08 7.57
C ASP B 252 -23.28 -22.61 7.51
N VAL B 253 -22.26 -23.22 8.10
CA VAL B 253 -22.14 -24.69 8.10
C VAL B 253 -23.23 -25.35 8.96
N GLU B 254 -23.48 -26.63 8.71
CA GLU B 254 -24.58 -27.35 9.38
C GLU B 254 -24.40 -27.36 10.88
N SER B 255 -23.15 -27.41 11.33
CA SER B 255 -22.88 -27.45 12.77
C SER B 255 -23.28 -26.16 13.45
N ALA B 256 -23.42 -25.08 12.68
CA ALA B 256 -23.82 -23.78 13.24
C ALA B 256 -25.35 -23.62 13.32
N ALA B 257 -26.01 -24.76 13.12
CA ALA B 257 -27.46 -25.02 13.27
C ALA B 257 -28.33 -23.94 13.88
N GLU B 258 -28.59 -24.11 15.19
CA GLU B 258 -29.57 -23.26 15.84
C GLU B 258 -29.09 -21.81 15.86
N ASN B 259 -27.77 -21.60 15.95
CA ASN B 259 -27.23 -20.25 15.85
C ASN B 259 -27.60 -19.54 14.54
N LEU B 260 -27.57 -20.29 13.43
CA LEU B 260 -27.94 -19.74 12.13
C LEU B 260 -29.44 -19.39 12.08
N ALA B 261 -30.31 -20.29 12.57
CA ALA B 261 -31.77 -20.00 12.70
C ALA B 261 -32.03 -18.74 13.54
N GLU B 262 -31.31 -18.62 14.66
CA GLU B 262 -31.43 -17.48 15.56
C GLU B 262 -31.15 -16.17 14.82
N THR B 263 -30.01 -16.11 14.15
CA THR B 263 -29.71 -14.95 13.34
C THR B 263 -30.79 -14.74 12.27
N ALA B 264 -31.17 -15.80 11.57
CA ALA B 264 -32.13 -15.66 10.49
C ALA B 264 -33.45 -15.07 11.02
N SER B 265 -33.88 -15.55 12.19
CA SER B 265 -35.12 -15.08 12.79
C SER B 265 -35.03 -13.59 13.22
N LYS B 266 -33.94 -13.26 13.90
CA LYS B 266 -33.69 -11.91 14.38
C LYS B 266 -33.74 -10.86 13.26
N VAL B 267 -33.29 -11.24 12.07
CA VAL B 267 -33.13 -10.30 10.96
C VAL B 267 -34.26 -10.43 9.94
N GLY B 268 -35.24 -11.29 10.21
CA GLY B 268 -36.34 -11.45 9.27
C GLY B 268 -35.95 -12.11 7.92
N GLY B 269 -34.93 -12.96 7.92
CA GLY B 269 -34.40 -13.53 6.67
C GLY B 269 -34.52 -15.06 6.67
N THR B 270 -33.67 -15.74 5.89
CA THR B 270 -33.76 -17.22 5.82
C THR B 270 -32.39 -17.81 6.01
N ALA B 271 -32.37 -19.01 6.59
CA ALA B 271 -31.17 -19.73 7.00
C ALA B 271 -30.93 -20.79 5.95
N LEU B 272 -29.69 -20.81 5.47
CA LEU B 272 -29.30 -21.80 4.52
C LEU B 272 -28.01 -22.44 5.04
N TRP B 273 -28.15 -23.71 5.36
CA TRP B 273 -27.10 -24.55 5.94
C TRP B 273 -26.22 -25.14 4.82
N LEU B 274 -24.98 -24.69 4.72
CA LEU B 274 -24.14 -24.98 3.53
C LEU B 274 -22.64 -24.97 3.80
N ASP B 275 -21.91 -25.96 3.25
CA ASP B 275 -20.44 -25.88 3.13
C ASP B 275 -20.08 -25.15 1.83
N VAL B 276 -19.61 -23.90 1.97
CA VAL B 276 -19.37 -23.04 0.79
C VAL B 276 -18.27 -23.61 -0.12
N THR B 277 -17.44 -24.50 0.42
CA THR B 277 -16.45 -25.20 -0.36
C THR B 277 -16.98 -26.37 -1.23
N ALA B 278 -18.23 -26.78 -1.05
CA ALA B 278 -18.74 -27.98 -1.76
C ALA B 278 -18.96 -27.67 -3.24
N ASP B 279 -18.72 -28.70 -4.06
CA ASP B 279 -18.91 -28.63 -5.53
C ASP B 279 -20.24 -27.99 -5.88
N ASP B 280 -21.26 -28.29 -5.08
CA ASP B 280 -22.62 -27.93 -5.40
C ASP B 280 -23.11 -26.69 -4.68
N ALA B 281 -22.18 -25.91 -4.11
CA ALA B 281 -22.55 -24.71 -3.29
C ALA B 281 -23.33 -23.66 -4.09
N VAL B 282 -22.83 -23.34 -5.29
CA VAL B 282 -23.51 -22.38 -6.13
C VAL B 282 -24.90 -22.91 -6.49
N ASP B 283 -25.01 -24.20 -6.82
CA ASP B 283 -26.32 -24.74 -7.18
C ASP B 283 -27.25 -24.59 -5.97
N LYS B 284 -26.77 -24.92 -4.77
CA LYS B 284 -27.68 -24.93 -3.59
C LYS B 284 -28.11 -23.51 -3.19
N ILE B 285 -27.21 -22.56 -3.41
CA ILE B 285 -27.49 -21.16 -3.08
C ILE B 285 -28.52 -20.63 -4.07
N SER B 286 -28.35 -21.00 -5.34
CA SER B 286 -29.27 -20.55 -6.37
C SER B 286 -30.66 -21.18 -6.21
N GLU B 287 -30.66 -22.42 -5.73
CA GLU B 287 -31.90 -23.19 -5.49
C GLU B 287 -32.72 -22.53 -4.39
N HIS B 288 -32.05 -22.12 -3.31
CA HIS B 288 -32.66 -21.40 -2.17
C HIS B 288 -33.18 -20.04 -2.63
N LEU B 289 -32.45 -19.41 -3.55
CA LEU B 289 -32.86 -18.11 -4.07
C LEU B 289 -34.14 -18.26 -4.84
N ARG B 290 -34.23 -19.34 -5.62
CA ARG B 290 -35.37 -19.58 -6.45
C ARG B 290 -36.54 -19.98 -5.57
N ASP B 291 -36.27 -20.78 -4.54
CA ASP B 291 -37.34 -21.31 -3.66
C ASP B 291 -37.90 -20.22 -2.72
N HIS B 292 -37.08 -19.24 -2.36
CA HIS B 292 -37.46 -18.31 -1.29
C HIS B 292 -37.32 -16.82 -1.55
N HIS B 293 -36.70 -16.43 -2.67
CA HIS B 293 -36.30 -15.03 -2.90
C HIS B 293 -36.37 -14.54 -4.35
N GLY B 294 -37.24 -15.15 -5.14
CA GLY B 294 -37.39 -14.76 -6.55
C GLY B 294 -36.25 -15.07 -7.49
N GLY B 295 -35.38 -16.01 -7.12
CA GLY B 295 -34.29 -16.46 -8.00
C GLY B 295 -33.06 -15.56 -8.09
N LYS B 296 -33.16 -14.34 -7.53
CA LYS B 296 -32.12 -13.32 -7.57
C LYS B 296 -31.59 -12.96 -6.19
N ALA B 297 -30.34 -12.50 -6.18
CA ALA B 297 -29.72 -11.78 -5.06
C ALA B 297 -29.10 -10.51 -5.66
N ASP B 298 -29.20 -9.40 -4.92
CA ASP B 298 -28.55 -8.16 -5.28
C ASP B 298 -27.14 -8.03 -4.75
N ILE B 299 -26.89 -8.74 -3.67
CA ILE B 299 -25.64 -8.55 -2.91
C ILE B 299 -25.10 -9.88 -2.45
N LEU B 300 -23.77 -10.02 -2.48
CA LEU B 300 -23.12 -11.20 -1.93
C LEU B 300 -22.00 -10.69 -1.06
N VAL B 301 -22.03 -11.12 0.20
CA VAL B 301 -20.95 -10.86 1.09
C VAL B 301 -20.18 -12.15 1.40
N ASN B 302 -18.94 -12.18 0.91
CA ASN B 302 -18.03 -13.29 1.17
C ASN B 302 -17.36 -13.19 2.52
N ASN B 303 -18.18 -13.31 3.56
CA ASN B 303 -17.70 -13.17 4.92
C ASN B 303 -17.11 -14.44 5.56
N ALA B 304 -17.56 -15.63 5.14
CA ALA B 304 -17.12 -16.84 5.84
C ALA B 304 -15.59 -17.00 5.71
N GLY B 305 -14.93 -17.44 6.78
CA GLY B 305 -13.47 -17.50 6.78
C GLY B 305 -13.06 -18.40 7.92
N ILE B 306 -11.88 -19.01 7.80
CA ILE B 306 -11.35 -19.79 8.92
C ILE B 306 -9.89 -19.49 9.09
N THR B 307 -9.36 -19.74 10.26
CA THR B 307 -7.91 -19.67 10.41
C THR B 307 -7.47 -21.06 10.80
N ARG B 308 -6.24 -21.41 10.40
CA ARG B 308 -5.52 -22.55 10.92
C ARG B 308 -4.07 -22.09 11.07
N ASP B 309 -3.76 -21.37 12.13
CA ASP B 309 -2.46 -20.73 12.23
C ASP B 309 -1.39 -21.77 12.49
N LYS B 310 -0.31 -21.66 11.72
CA LYS B 310 0.86 -22.46 11.88
C LYS B 310 2.02 -21.78 11.17
N LEU B 311 3.18 -21.72 11.82
CA LEU B 311 4.37 -21.27 11.09
C LEU B 311 4.59 -22.11 9.85
N LEU B 312 5.05 -21.45 8.78
CA LEU B 312 5.37 -22.16 7.53
C LEU B 312 6.22 -23.43 7.68
N ALA B 313 7.31 -23.34 8.43
CA ALA B 313 8.16 -24.49 8.70
C ALA B 313 7.42 -25.71 9.30
N ASN B 314 6.20 -25.49 9.82
CA ASN B 314 5.47 -26.53 10.54
C ASN B 314 4.10 -26.81 9.87
N MET B 315 3.90 -26.25 8.68
CA MET B 315 2.64 -26.27 7.98
C MET B 315 2.36 -27.64 7.39
N ASP B 316 1.10 -28.07 7.49
CA ASP B 316 0.69 -29.30 6.83
C ASP B 316 -0.28 -29.01 5.69
N ASP B 317 -0.44 -30.02 4.81
CA ASP B 317 -1.29 -29.91 3.63
C ASP B 317 -2.71 -29.52 4.00
N ALA B 318 -3.28 -30.16 5.01
CA ALA B 318 -4.68 -29.92 5.34
C ALA B 318 -4.94 -28.50 5.84
N ARG B 319 -4.06 -27.99 6.69
CA ARG B 319 -4.21 -26.61 7.19
C ARG B 319 -4.02 -25.56 6.09
N TRP B 320 -3.14 -25.85 5.12
CA TRP B 320 -2.98 -24.92 3.96
C TRP B 320 -4.24 -24.95 3.10
N ASP B 321 -4.56 -26.19 2.68
CA ASP B 321 -5.70 -26.42 1.78
C ASP B 321 -7.01 -25.95 2.31
N ALA B 322 -7.33 -26.27 3.56
CA ALA B 322 -8.63 -25.92 4.09
C ALA B 322 -8.84 -24.37 4.15
N VAL B 323 -7.83 -23.63 4.59
CA VAL B 323 -7.93 -22.18 4.65
C VAL B 323 -7.98 -21.61 3.24
N LEU B 324 -7.16 -22.15 2.35
CA LEU B 324 -7.21 -21.70 0.95
C LEU B 324 -8.62 -22.00 0.38
N ALA B 325 -9.18 -23.15 0.71
CA ALA B 325 -10.52 -23.54 0.16
C ALA B 325 -11.69 -22.65 0.61
N VAL B 326 -11.82 -22.49 1.93
CA VAL B 326 -12.86 -21.61 2.53
C VAL B 326 -12.62 -20.12 2.23
N ASN B 327 -11.37 -19.66 2.29
CA ASN B 327 -11.17 -18.23 2.32
C ASN B 327 -10.96 -17.58 0.95
N LEU B 328 -10.51 -18.34 -0.03
CA LEU B 328 -10.10 -17.80 -1.34
C LEU B 328 -10.84 -18.51 -2.48
N LEU B 329 -10.74 -19.83 -2.51
CA LEU B 329 -11.31 -20.61 -3.63
C LEU B 329 -12.82 -20.48 -3.58
N ALA B 330 -13.42 -20.59 -2.38
CA ALA B 330 -14.88 -20.50 -2.31
C ALA B 330 -15.43 -19.12 -2.66
N PRO B 331 -14.86 -18.05 -2.12
CA PRO B 331 -15.44 -16.75 -2.54
C PRO B 331 -15.28 -16.51 -4.05
N LEU B 332 -14.17 -16.94 -4.60
CA LEU B 332 -13.97 -16.86 -6.07
C LEU B 332 -15.04 -17.68 -6.84
N ARG B 333 -15.22 -18.93 -6.39
CA ARG B 333 -16.23 -19.83 -7.05
C ARG B 333 -17.63 -19.25 -6.87
N LEU B 334 -17.97 -18.75 -5.67
CA LEU B 334 -19.32 -18.21 -5.45
C LEU B 334 -19.57 -16.98 -6.25
N THR B 335 -18.56 -16.12 -6.33
CA THR B 335 -18.74 -14.89 -7.15
C THR B 335 -18.88 -15.23 -8.64
N GLU B 336 -17.94 -16.02 -9.17
CA GLU B 336 -17.99 -16.35 -10.60
C GLU B 336 -19.25 -17.16 -10.95
N GLY B 337 -19.65 -18.04 -10.04
CA GLY B 337 -20.76 -18.95 -10.31
C GLY B 337 -22.11 -18.26 -10.18
N LEU B 338 -22.29 -17.45 -9.13
CA LEU B 338 -23.59 -16.68 -8.97
C LEU B 338 -23.82 -15.57 -9.99
N VAL B 339 -22.76 -14.86 -10.35
CA VAL B 339 -22.81 -13.98 -11.53
C VAL B 339 -23.00 -14.80 -12.82
N GLY B 340 -22.24 -15.90 -12.94
CA GLY B 340 -22.22 -16.67 -14.20
C GLY B 340 -23.53 -17.40 -14.50
N ASN B 341 -24.24 -17.82 -13.46
CA ASN B 341 -25.54 -18.48 -13.70
C ASN B 341 -26.75 -17.52 -13.68
N GLY B 342 -26.44 -16.22 -13.61
CA GLY B 342 -27.47 -15.19 -13.68
C GLY B 342 -28.07 -14.82 -12.33
N SER B 343 -27.71 -15.54 -11.29
CA SER B 343 -28.28 -15.26 -9.95
C SER B 343 -28.03 -13.82 -9.50
N ILE B 344 -26.79 -13.33 -9.66
CA ILE B 344 -26.51 -11.91 -9.42
C ILE B 344 -26.28 -11.24 -10.77
N GLY B 345 -26.98 -10.14 -11.01
CA GLY B 345 -26.87 -9.49 -12.31
C GLY B 345 -26.75 -7.98 -12.14
N GLU B 346 -27.44 -7.24 -13.01
CA GLU B 346 -27.17 -5.80 -13.10
C GLU B 346 -27.56 -5.08 -11.85
N GLY B 347 -26.71 -4.13 -11.40
CA GLY B 347 -26.91 -3.48 -10.09
C GLY B 347 -26.30 -4.27 -8.93
N GLY B 348 -25.67 -5.40 -9.24
CA GLY B 348 -25.22 -6.31 -8.20
C GLY B 348 -24.02 -5.76 -7.44
N ARG B 349 -23.78 -6.34 -6.27
CA ARG B 349 -22.74 -5.90 -5.36
C ARG B 349 -22.08 -7.12 -4.76
N VAL B 350 -20.76 -7.15 -4.85
CA VAL B 350 -19.99 -8.21 -4.23
C VAL B 350 -19.00 -7.57 -3.23
N ILE B 351 -19.05 -8.00 -1.97
CA ILE B 351 -18.11 -7.43 -1.01
C ILE B 351 -17.37 -8.58 -0.34
N GLY B 352 -16.06 -8.53 -0.33
CA GLY B 352 -15.26 -9.60 0.29
C GLY B 352 -14.64 -9.11 1.57
N LEU B 353 -14.28 -10.04 2.45
CA LEU B 353 -13.58 -9.73 3.67
C LEU B 353 -12.11 -10.09 3.45
N SER B 354 -11.30 -9.04 3.35
CA SER B 354 -9.87 -9.14 3.41
C SER B 354 -9.55 -8.97 4.89
N SER B 355 -8.36 -8.50 5.23
CA SER B 355 -8.02 -8.25 6.62
C SER B 355 -6.60 -7.66 6.70
N ILE B 356 -6.29 -7.09 7.84
CA ILE B 356 -4.97 -6.51 8.03
C ILE B 356 -3.86 -7.51 7.77
N ALA B 357 -4.02 -8.78 8.16
CA ALA B 357 -2.94 -9.79 7.91
C ALA B 357 -2.67 -9.95 6.39
N GLY B 358 -3.72 -9.84 5.56
CA GLY B 358 -3.49 -9.83 4.10
C GLY B 358 -2.66 -8.68 3.55
N ILE B 359 -2.68 -7.50 4.22
CA ILE B 359 -1.99 -6.33 3.73
C ILE B 359 -0.56 -6.30 4.35
N ALA B 360 -0.52 -6.58 5.64
CA ALA B 360 0.79 -6.44 6.37
C ALA B 360 1.49 -7.75 6.59
N GLY B 361 0.78 -8.85 6.40
CA GLY B 361 1.40 -10.09 6.88
C GLY B 361 1.20 -10.27 8.38
N ASN B 362 1.36 -11.52 8.83
CA ASN B 362 1.29 -11.86 10.23
C ASN B 362 1.99 -13.22 10.45
N ARG B 363 2.79 -13.27 11.48
CA ARG B 363 3.45 -14.48 11.86
C ARG B 363 2.40 -15.62 12.06
N GLY B 364 2.71 -16.82 11.57
CA GLY B 364 1.84 -18.00 11.67
C GLY B 364 0.62 -18.00 10.73
N GLN B 365 0.60 -17.09 9.77
CA GLN B 365 -0.58 -16.84 8.88
C GLN B 365 -0.20 -16.77 7.41
N THR B 366 0.85 -17.50 7.02
CA THR B 366 1.20 -17.58 5.58
C THR B 366 -0.02 -18.14 4.82
N ASN B 367 -0.69 -19.12 5.42
CA ASN B 367 -1.96 -19.54 4.79
C ASN B 367 -3.08 -18.49 4.76
N TYR B 368 -3.51 -18.05 5.94
CA TYR B 368 -4.56 -17.02 6.06
C TYR B 368 -4.27 -15.69 5.31
N ALA B 369 -3.06 -15.12 5.47
CA ALA B 369 -2.63 -13.85 4.79
C ALA B 369 -2.59 -13.99 3.28
N THR B 370 -2.18 -15.16 2.82
CA THR B 370 -2.19 -15.43 1.32
C THR B 370 -3.66 -15.35 0.86
N THR B 371 -4.55 -15.87 1.69
CA THR B 371 -5.95 -15.86 1.25
C THR B 371 -6.55 -14.46 1.33
N LYS B 372 -6.16 -13.68 2.34
CA LYS B 372 -6.68 -12.32 2.50
C LYS B 372 -6.09 -11.34 1.46
N ALA B 373 -4.81 -11.51 1.16
CA ALA B 373 -4.16 -10.86 -0.02
C ALA B 373 -4.84 -11.30 -1.34
N GLY B 374 -5.18 -12.58 -1.42
CA GLY B 374 -5.92 -13.01 -2.61
C GLY B 374 -7.30 -12.43 -2.72
N MET B 375 -7.98 -12.22 -1.58
CA MET B 375 -9.24 -11.48 -1.62
C MET B 375 -9.13 -10.07 -2.27
N ILE B 376 -8.06 -9.35 -1.95
CA ILE B 376 -7.73 -8.12 -2.58
C ILE B 376 -7.53 -8.40 -4.09
N GLY B 377 -6.77 -9.45 -4.44
CA GLY B 377 -6.66 -9.87 -5.84
C GLY B 377 -8.02 -10.10 -6.53
N ILE B 378 -8.98 -10.74 -5.85
CA ILE B 378 -10.25 -11.01 -6.49
C ILE B 378 -10.88 -9.67 -6.81
N THR B 379 -10.80 -8.77 -5.83
CA THR B 379 -11.48 -7.48 -5.85
C THR B 379 -10.90 -6.64 -6.98
N GLN B 380 -9.59 -6.57 -7.05
CA GLN B 380 -8.93 -5.86 -8.16
C GLN B 380 -9.05 -6.54 -9.52
N ALA B 381 -8.91 -7.86 -9.58
CA ALA B 381 -8.89 -8.60 -10.87
C ALA B 381 -10.28 -8.59 -11.53
N LEU B 382 -11.30 -8.81 -10.73
CA LEU B 382 -12.66 -8.91 -11.35
C LEU B 382 -13.39 -7.61 -11.59
N ALA B 383 -12.93 -6.52 -10.95
CA ALA B 383 -13.62 -5.23 -11.02
C ALA B 383 -13.92 -4.78 -12.49
N PRO B 384 -12.91 -4.85 -13.41
CA PRO B 384 -13.23 -4.47 -14.78
C PRO B 384 -14.27 -5.33 -15.48
N GLY B 385 -14.18 -6.66 -15.41
CA GLY B 385 -15.23 -7.54 -15.93
C GLY B 385 -16.59 -7.36 -15.34
N LEU B 386 -16.67 -7.27 -14.01
CA LEU B 386 -17.95 -7.01 -13.36
C LEU B 386 -18.57 -5.66 -13.70
N ALA B 387 -17.71 -4.66 -13.88
CA ALA B 387 -18.21 -3.33 -14.29
C ALA B 387 -19.02 -3.45 -15.59
N ALA B 388 -18.48 -4.24 -16.51
CA ALA B 388 -19.10 -4.36 -17.85
C ALA B 388 -20.50 -4.97 -17.77
N LYS B 389 -20.80 -5.65 -16.67
CA LYS B 389 -22.07 -6.33 -16.39
C LYS B 389 -22.91 -5.54 -15.38
N GLY B 390 -22.45 -4.34 -15.00
CA GLY B 390 -23.13 -3.46 -14.04
C GLY B 390 -23.00 -3.94 -12.60
N ILE B 391 -21.91 -4.63 -12.30
CA ILE B 391 -21.76 -5.16 -10.94
C ILE B 391 -20.55 -4.44 -10.34
N THR B 392 -20.58 -4.12 -9.03
CA THR B 392 -19.37 -3.62 -8.36
C THR B 392 -18.82 -4.71 -7.49
N ILE B 393 -17.52 -4.58 -7.27
CA ILE B 393 -16.86 -5.45 -6.30
C ILE B 393 -15.85 -4.74 -5.35
N ASN B 394 -15.99 -4.99 -4.05
CA ASN B 394 -15.12 -4.34 -3.10
C ASN B 394 -14.77 -5.25 -1.96
N ALA B 395 -13.85 -4.78 -1.14
CA ALA B 395 -13.42 -5.51 0.08
C ALA B 395 -13.24 -4.57 1.26
N VAL B 396 -13.52 -5.12 2.43
CA VAL B 396 -13.38 -4.43 3.68
C VAL B 396 -12.31 -5.27 4.34
N ALA B 397 -11.35 -4.63 4.97
CA ALA B 397 -10.25 -5.36 5.63
C ALA B 397 -10.27 -4.99 7.16
N PRO B 398 -11.00 -5.75 7.99
CA PRO B 398 -11.06 -5.40 9.48
C PRO B 398 -9.69 -5.46 10.21
N GLY B 399 -9.40 -4.61 11.24
CA GLY B 399 -8.16 -4.71 12.04
C GLY B 399 -8.55 -5.51 13.31
N PHE B 400 -8.36 -4.94 14.50
CA PHE B 400 -8.75 -5.56 15.75
C PHE B 400 -10.21 -5.24 16.08
N ILE B 401 -11.09 -6.24 16.10
CA ILE B 401 -12.49 -6.10 16.38
C ILE B 401 -12.77 -6.96 17.61
N GLU B 402 -13.41 -6.36 18.59
CA GLU B 402 -13.86 -7.09 19.78
C GLU B 402 -14.83 -8.23 19.50
N THR B 403 -14.66 -9.30 20.25
CA THR B 403 -15.71 -10.27 20.59
C THR B 403 -15.55 -11.59 19.87
N GLN B 404 -15.72 -12.66 20.67
CA GLN B 404 -15.70 -14.02 20.19
C GLN B 404 -17.13 -14.46 19.88
N THR B 413 -1.37 -9.99 24.96
CA THR B 413 -1.15 -9.62 23.57
C THR B 413 -2.31 -8.83 22.96
N ARG B 414 -3.55 -9.26 23.26
CA ARG B 414 -4.80 -8.57 22.85
C ARG B 414 -4.87 -7.10 23.32
N GLU B 415 -4.18 -6.83 24.44
CA GLU B 415 -3.98 -5.48 24.99
C GLU B 415 -3.35 -4.54 23.97
N VAL B 416 -2.13 -4.90 23.53
CA VAL B 416 -1.45 -4.18 22.46
C VAL B 416 -2.40 -3.97 21.28
N GLY B 417 -2.94 -5.06 20.74
CA GLY B 417 -3.87 -4.98 19.61
C GLY B 417 -5.01 -3.97 19.76
N ARG B 418 -5.48 -3.77 20.99
CA ARG B 418 -6.55 -2.78 21.23
C ARG B 418 -6.06 -1.33 21.23
N ARG B 419 -4.82 -1.15 21.66
CA ARG B 419 -4.31 0.18 21.90
C ARG B 419 -3.67 0.77 20.64
N LEU B 420 -3.15 -0.10 19.76
CA LEU B 420 -2.24 0.31 18.67
C LEU B 420 -2.94 0.90 17.44
N ASN B 421 -3.73 1.94 17.64
CA ASN B 421 -4.44 2.56 16.53
C ASN B 421 -4.70 3.95 17.02
N SER B 422 -5.01 4.84 16.10
CA SER B 422 -5.29 6.24 16.44
C SER B 422 -6.46 6.38 17.42
N LEU B 423 -7.51 5.59 17.22
CA LEU B 423 -8.63 5.63 18.15
C LEU B 423 -8.48 4.96 19.51
N LEU B 424 -7.33 4.35 19.78
CA LEU B 424 -6.99 3.86 21.11
C LEU B 424 -7.96 2.80 21.70
N GLN B 425 -8.48 1.93 20.84
CA GLN B 425 -9.52 0.96 21.23
C GLN B 425 -9.79 -0.02 20.09
N GLY B 426 -10.35 -1.17 20.43
CA GLY B 426 -10.76 -2.13 19.43
C GLY B 426 -12.06 -1.67 18.81
N GLY B 427 -12.37 -2.23 17.64
CA GLY B 427 -13.61 -1.96 16.95
C GLY B 427 -14.73 -2.89 17.38
N GLN B 428 -15.91 -2.57 16.90
CA GLN B 428 -17.09 -3.42 17.13
C GLN B 428 -17.54 -4.05 15.80
N PRO B 429 -18.22 -5.22 15.86
CA PRO B 429 -18.65 -5.82 14.62
C PRO B 429 -19.55 -4.87 13.75
N VAL B 430 -20.33 -4.01 14.38
CA VAL B 430 -21.18 -3.07 13.61
C VAL B 430 -20.28 -2.18 12.73
N ASP B 431 -19.03 -1.93 13.18
CA ASP B 431 -18.18 -0.96 12.48
C ASP B 431 -17.81 -1.49 11.11
N VAL B 432 -17.59 -2.82 11.06
CA VAL B 432 -17.28 -3.54 9.84
C VAL B 432 -18.51 -3.67 8.96
N ALA B 433 -19.63 -4.08 9.57
CA ALA B 433 -20.92 -4.15 8.85
C ALA B 433 -21.26 -2.87 8.15
N GLU B 434 -20.97 -1.73 8.79
CA GLU B 434 -21.37 -0.41 8.21
C GLU B 434 -20.59 -0.15 6.90
N ALA B 435 -19.28 -0.44 6.88
CA ALA B 435 -18.43 -0.27 5.68
C ALA B 435 -18.92 -1.15 4.52
N ILE B 436 -19.38 -2.34 4.86
CA ILE B 436 -19.86 -3.32 3.92
C ILE B 436 -21.22 -2.85 3.38
N ALA B 437 -22.10 -2.32 4.24
CA ALA B 437 -23.43 -1.78 3.73
C ALA B 437 -23.27 -0.55 2.86
N TYR B 438 -22.26 0.28 3.16
CA TYR B 438 -21.86 1.39 2.30
C TYR B 438 -21.63 0.90 0.85
N PHE B 439 -20.72 -0.06 0.68
CA PHE B 439 -20.50 -0.68 -0.65
C PHE B 439 -21.76 -1.29 -1.26
N ALA B 440 -22.62 -1.88 -0.44
CA ALA B 440 -23.83 -2.55 -0.94
C ALA B 440 -24.84 -1.57 -1.43
N SER B 441 -24.71 -0.31 -1.03
CA SER B 441 -25.72 0.66 -1.42
C SER B 441 -26.01 0.67 -2.94
N PRO B 442 -27.30 0.88 -3.33
CA PRO B 442 -27.51 0.94 -4.76
C PRO B 442 -27.01 2.29 -5.32
N ALA B 443 -26.83 3.32 -4.48
CA ALA B 443 -26.09 4.55 -4.87
C ALA B 443 -24.55 4.44 -4.84
N SER B 444 -24.01 3.28 -4.46
CA SER B 444 -22.54 3.11 -4.52
C SER B 444 -22.05 2.44 -5.82
N ASN B 445 -22.76 2.67 -6.94
CA ASN B 445 -22.34 2.02 -8.17
C ASN B 445 -21.03 2.57 -8.76
N ALA B 446 -20.61 3.75 -8.33
CA ALA B 446 -19.32 4.35 -8.82
C ALA B 446 -18.16 3.98 -7.93
N VAL B 447 -18.38 3.03 -7.03
CA VAL B 447 -17.28 2.51 -6.20
C VAL B 447 -17.04 1.05 -6.50
N THR B 448 -15.83 0.73 -6.99
CA THR B 448 -15.48 -0.63 -7.24
C THR B 448 -13.95 -0.75 -7.21
N GLY B 449 -13.42 -1.97 -6.99
CA GLY B 449 -11.98 -2.13 -6.89
C GLY B 449 -11.36 -1.69 -5.59
N ASN B 450 -12.18 -1.32 -4.58
CA ASN B 450 -11.65 -0.63 -3.38
C ASN B 450 -11.36 -1.65 -2.29
N VAL B 451 -10.30 -1.45 -1.52
CA VAL B 451 -10.00 -2.20 -0.29
C VAL B 451 -9.92 -1.15 0.85
N ILE B 452 -10.81 -1.29 1.83
CA ILE B 452 -10.95 -0.30 2.95
C ILE B 452 -10.73 -1.00 4.25
N ARG B 453 -9.63 -0.67 4.97
CA ARG B 453 -9.47 -1.18 6.30
C ARG B 453 -10.48 -0.60 7.31
N VAL B 454 -10.94 -1.44 8.24
CA VAL B 454 -11.80 -0.94 9.32
C VAL B 454 -11.02 -1.27 10.56
N CYS B 455 -10.15 -0.33 10.97
CA CYS B 455 -9.01 -0.67 11.86
C CYS B 455 -8.70 0.41 12.94
N GLY B 456 -9.45 1.50 12.96
CA GLY B 456 -9.21 2.62 13.93
C GLY B 456 -7.98 3.42 13.55
N GLN B 457 -7.53 3.34 12.28
CA GLN B 457 -6.18 3.68 11.87
C GLN B 457 -5.12 2.94 12.65
N ALA B 458 -5.15 1.62 12.55
CA ALA B 458 -4.13 0.78 13.15
C ALA B 458 -2.72 1.11 12.64
N MET B 459 -1.77 1.13 13.58
CA MET B 459 -0.37 1.38 13.26
C MET B 459 0.22 0.41 12.22
N ILE B 460 -0.09 -0.87 12.34
CA ILE B 460 0.47 -1.90 11.49
C ILE B 460 -0.02 -1.79 10.01
N GLY B 461 0.86 -2.03 9.06
CA GLY B 461 0.52 -1.99 7.62
C GLY B 461 1.72 -2.41 6.76
N ALA B 462 1.61 -2.16 5.46
CA ALA B 462 2.64 -2.35 4.43
C ALA B 462 3.48 -1.12 4.17
#